data_7MF1
#
_entry.id   7MF1
#
_cell.length_a   75.711
_cell.length_b   81.213
_cell.length_c   112.461
_cell.angle_alpha   90.000
_cell.angle_beta   90.000
_cell.angle_gamma   90.000
#
_symmetry.space_group_name_H-M   'P 21 21 21'
#
loop_
_entity.id
_entity.type
_entity.pdbx_description
1 polymer 'Spike protein S1'
2 polymer '47D1 Fab heavy chain'
3 polymer '47D1 Fab light chain'
4 branched 2-acetamido-2-deoxy-beta-D-glucopyranose-(1-4)-[alpha-L-fucopyranose-(1-6)]2-acetamido-2-deoxy-beta-D-glucopyranose
5 non-polymer 2-acetamido-2-deoxy-beta-D-glucopyranose
6 water water
#
loop_
_entity_poly.entity_id
_entity_poly.type
_entity_poly.pdbx_seq_one_letter_code
_entity_poly.pdbx_strand_id
1 'polypeptide(L)'
;TNLCPFGEVFNATRFASVYAWNRKRISNCVADYSVLYNSASFSTFKCYGVSPTKLNDLCFTNVYADSFVIRGDEVRQIAP
GQTGKIADYNYKLPDDFTGCVIAWNSNNLDSKVGGNYNYLYRLFRKSNLKPFERDISTEIYQAGSTPCNGVEGFNCYFPL
QSYGFQPTNGVGYQPYRVVVLSFELLHAPATVCGPKKSGHHHHHH
;
A
2 'polypeptide(L)'
;QVQLVQSGAEVKKPGSSVRVSCKASGGTFSTYPISWVRQAPGQGLEWMGGIIPIFGTAKSAQKFQGRVTITADEFTSTAY
MEMSSLRSEDTAMYYCAREGRRYGSGWYISTGYFDYWGQGTLVTVSSASTKGPSVFPLAPSSKSTSGGTAALGCLVKDYF
PEPVTVSWNSGALTSGVHTFPAVLQSSGLYSLSSVVTVPSSSLGTQTYICNVNHKPSNTKVDKRVEPKSC
;
H
3 'polypeptide(L)'
;QLVLTQPASVSGSPGQSIIVSCTGTSSDVGGYKFVSWYQQHPGKAPRVMIYDVSNRPSGVSNRFSGSKSGNTASLTISGL
QADDEADYYCSSYTNSSTVVFGGGTKVTVLGQPKAAPSVTLFPPSSEELQANKATLVCLISDFYPGAVTVAWKADSSPVK
AGVETTTPSKQSNNKYAASSYLSLTPEQWKSHRSYSCQVTHEGSTVEKTVAPTECS
;
L
#
loop_
_chem_comp.id
_chem_comp.type
_chem_comp.name
_chem_comp.formula
FUC L-saccharide, alpha linking alpha-L-fucopyranose 'C6 H12 O5'
NAG D-saccharide, beta linking 2-acetamido-2-deoxy-beta-D-glucopyranose 'C8 H15 N O6'
#
# COMPACT_ATOMS: atom_id res chain seq x y z
N ASN A 2 -39.43 17.03 -30.49
CA ASN A 2 -39.67 15.96 -29.52
C ASN A 2 -39.05 14.64 -29.99
N LEU A 3 -37.84 14.73 -30.53
CA LEU A 3 -37.11 13.53 -30.92
C LEU A 3 -36.77 12.69 -29.69
N CYS A 4 -36.84 11.37 -29.86
CA CYS A 4 -36.49 10.48 -28.76
C CYS A 4 -35.04 10.71 -28.34
N PRO A 5 -34.76 10.75 -27.03
CA PRO A 5 -33.39 11.06 -26.56
C PRO A 5 -32.45 9.85 -26.66
N PHE A 6 -32.23 9.38 -27.88
CA PHE A 6 -31.30 8.27 -28.09
C PHE A 6 -29.85 8.69 -27.93
N GLY A 7 -29.53 9.98 -28.12
CA GLY A 7 -28.18 10.44 -27.85
C GLY A 7 -27.80 10.35 -26.40
N GLU A 8 -28.80 10.41 -25.50
CA GLU A 8 -28.53 10.25 -24.08
C GLU A 8 -28.01 8.85 -23.77
N VAL A 9 -28.49 7.85 -24.50
CA VAL A 9 -28.12 6.46 -24.24
C VAL A 9 -26.87 6.10 -25.02
N PHE A 10 -26.91 6.29 -26.35
CA PHE A 10 -25.78 5.87 -27.18
C PHE A 10 -24.55 6.72 -26.92
N ASN A 11 -24.71 8.03 -26.82
CA ASN A 11 -23.59 8.95 -26.57
C ASN A 11 -23.50 9.30 -25.08
N ALA A 12 -23.50 8.29 -24.22
CA ALA A 12 -23.32 8.51 -22.79
C ALA A 12 -21.84 8.35 -22.44
N THR A 13 -21.38 9.20 -21.52
CA THR A 13 -19.96 9.20 -21.17
C THR A 13 -19.56 7.88 -20.50
N ARG A 14 -20.32 7.46 -19.50
CA ARG A 14 -20.08 6.20 -18.81
C ARG A 14 -21.22 5.23 -19.07
N PHE A 15 -20.88 3.94 -19.14
CA PHE A 15 -21.84 2.87 -19.30
C PHE A 15 -21.86 2.02 -18.03
N ALA A 16 -22.99 1.33 -17.83
CA ALA A 16 -23.13 0.48 -16.65
C ALA A 16 -22.38 -0.83 -16.83
N SER A 17 -21.99 -1.43 -15.71
CA SER A 17 -21.56 -2.82 -15.73
C SER A 17 -22.75 -3.70 -16.08
N VAL A 18 -22.46 -4.82 -16.75
CA VAL A 18 -23.52 -5.63 -17.33
C VAL A 18 -24.41 -6.21 -16.23
N TYR A 19 -23.82 -6.58 -15.08
CA TYR A 19 -24.62 -7.14 -14.00
C TYR A 19 -25.64 -6.14 -13.47
N ALA A 20 -25.34 -4.85 -13.58
CA ALA A 20 -26.28 -3.80 -13.18
C ALA A 20 -26.67 -2.98 -14.40
N TRP A 21 -27.11 -3.66 -15.46
CA TRP A 21 -27.37 -2.99 -16.73
C TRP A 21 -28.41 -1.88 -16.56
N ASN A 22 -28.19 -0.77 -17.26
CA ASN A 22 -29.06 0.39 -17.14
C ASN A 22 -30.25 0.25 -18.07
N ARG A 23 -31.41 0.71 -17.61
CA ARG A 23 -32.62 0.71 -18.42
C ARG A 23 -33.20 2.12 -18.43
N LYS A 24 -33.36 2.69 -19.63
CA LYS A 24 -34.03 3.98 -19.80
C LYS A 24 -35.30 3.78 -20.61
N ARG A 25 -36.40 4.33 -20.12
CA ARG A 25 -37.67 4.28 -20.84
C ARG A 25 -37.74 5.43 -21.83
N ILE A 26 -38.34 5.16 -22.99
CA ILE A 26 -38.44 6.11 -24.07
C ILE A 26 -39.91 6.13 -24.49
N SER A 27 -40.56 7.27 -24.27
CA SER A 27 -42.00 7.40 -24.50
C SER A 27 -42.31 8.82 -24.95
N ASN A 28 -43.45 8.95 -25.62
CA ASN A 28 -43.97 10.24 -26.06
C ASN A 28 -42.93 11.03 -26.85
N CYS A 29 -42.42 10.41 -27.91
CA CYS A 29 -41.37 11.03 -28.71
C CYS A 29 -41.45 10.50 -30.13
N VAL A 30 -40.64 11.10 -31.00
CA VAL A 30 -40.54 10.70 -32.39
C VAL A 30 -39.18 10.01 -32.58
N ALA A 31 -39.21 8.83 -33.19
CA ALA A 31 -38.04 7.95 -33.27
C ALA A 31 -37.67 7.75 -34.73
N ASP A 32 -36.81 8.61 -35.24
CA ASP A 32 -36.21 8.39 -36.56
C ASP A 32 -35.08 7.39 -36.37
N TYR A 33 -35.40 6.11 -36.61
CA TYR A 33 -34.46 5.04 -36.27
C TYR A 33 -33.24 5.03 -37.19
N SER A 34 -33.40 5.37 -38.46
CA SER A 34 -32.31 5.15 -39.39
C SER A 34 -31.22 6.22 -39.34
N VAL A 35 -31.19 7.11 -38.34
CA VAL A 35 -29.93 7.75 -37.98
C VAL A 35 -28.92 6.67 -37.64
N LEU A 36 -29.33 5.72 -36.82
CA LEU A 36 -28.61 4.49 -36.59
C LEU A 36 -28.84 3.54 -37.78
N TYR A 37 -28.07 2.46 -37.82
CA TYR A 37 -28.08 1.51 -38.95
C TYR A 37 -27.49 2.14 -40.21
N ASN A 38 -27.82 3.41 -40.49
CA ASN A 38 -27.06 4.20 -41.44
C ASN A 38 -25.77 4.73 -40.82
N SER A 39 -25.21 3.96 -39.89
CA SER A 39 -23.97 4.29 -39.19
C SER A 39 -23.08 3.06 -39.23
N ALA A 40 -21.94 3.17 -39.91
CA ALA A 40 -20.97 2.08 -39.91
C ALA A 40 -20.25 1.95 -38.57
N SER A 41 -20.53 2.85 -37.62
CA SER A 41 -19.88 2.78 -36.31
C SER A 41 -20.33 1.57 -35.52
N PHE A 42 -21.55 1.08 -35.78
CA PHE A 42 -22.10 -0.05 -35.04
C PHE A 42 -21.62 -1.35 -35.67
N SER A 43 -20.78 -2.08 -34.94
CA SER A 43 -20.33 -3.39 -35.40
C SER A 43 -21.43 -4.43 -35.31
N THR A 44 -22.42 -4.23 -34.44
CA THR A 44 -23.59 -5.11 -34.38
C THR A 44 -24.85 -4.26 -34.42
N PHE A 45 -25.79 -4.63 -35.29
CA PHE A 45 -27.09 -3.97 -35.39
C PHE A 45 -28.07 -5.01 -35.93
N LYS A 46 -28.59 -5.85 -35.02
CA LYS A 46 -29.44 -6.97 -35.40
C LYS A 46 -30.79 -6.83 -34.71
N CYS A 47 -31.84 -6.69 -35.50
CA CYS A 47 -33.20 -6.60 -34.98
C CYS A 47 -33.91 -7.93 -35.20
N TYR A 48 -34.75 -8.31 -34.23
CA TYR A 48 -35.35 -9.64 -34.19
C TYR A 48 -36.85 -9.64 -34.42
N GLY A 49 -37.58 -8.74 -33.75
CA GLY A 49 -39.02 -8.67 -33.95
C GLY A 49 -39.41 -8.03 -35.26
N VAL A 50 -38.61 -7.11 -35.78
CA VAL A 50 -38.86 -6.40 -37.04
C VAL A 50 -37.51 -6.22 -37.74
N SER A 51 -37.47 -5.37 -38.77
CA SER A 51 -36.24 -4.85 -39.37
C SER A 51 -36.30 -3.34 -39.35
N PRO A 52 -35.18 -2.65 -39.07
CA PRO A 52 -35.28 -1.25 -38.61
C PRO A 52 -35.75 -0.26 -39.66
N THR A 53 -35.55 -0.52 -40.95
CA THR A 53 -36.08 0.40 -41.96
C THR A 53 -37.60 0.44 -41.95
N LYS A 54 -38.23 -0.62 -41.45
CA LYS A 54 -39.68 -0.61 -41.23
C LYS A 54 -40.07 0.18 -39.99
N LEU A 55 -39.15 0.39 -39.05
CA LEU A 55 -39.49 0.96 -37.76
C LEU A 55 -39.79 2.45 -37.86
N ASN A 56 -39.22 3.14 -38.85
CA ASN A 56 -39.63 4.51 -39.12
C ASN A 56 -41.07 4.60 -39.59
N ASP A 57 -41.70 3.47 -39.89
CA ASP A 57 -43.10 3.42 -40.31
C ASP A 57 -44.01 2.77 -39.28
N LEU A 58 -43.50 2.48 -38.08
CA LEU A 58 -44.27 1.79 -37.05
C LEU A 58 -44.29 2.61 -35.77
N CYS A 59 -45.27 2.30 -34.92
CA CYS A 59 -45.47 3.00 -33.66
C CYS A 59 -45.51 2.00 -32.52
N PHE A 60 -44.99 2.41 -31.36
CA PHE A 60 -44.96 1.55 -30.17
C PHE A 60 -45.41 2.34 -28.95
N THR A 61 -45.92 1.61 -27.96
CA THR A 61 -46.30 2.25 -26.70
C THR A 61 -45.08 2.74 -25.95
N ASN A 62 -44.06 1.89 -25.81
CA ASN A 62 -42.82 2.29 -25.15
C ASN A 62 -41.64 1.67 -25.87
N VAL A 63 -40.45 2.23 -25.65
CA VAL A 63 -39.21 1.63 -26.10
C VAL A 63 -38.22 1.68 -24.95
N TYR A 64 -37.74 0.51 -24.53
CA TYR A 64 -36.76 0.42 -23.46
C TYR A 64 -35.37 0.28 -24.05
N ALA A 65 -34.45 1.13 -23.61
CA ALA A 65 -33.05 1.08 -24.02
C ALA A 65 -32.23 0.59 -22.83
N ASP A 66 -31.73 -0.64 -22.92
CA ASP A 66 -30.87 -1.21 -21.90
C ASP A 66 -29.43 -1.11 -22.36
N SER A 67 -28.58 -0.46 -21.58
CA SER A 67 -27.19 -0.25 -21.95
C SER A 67 -26.26 -0.87 -20.93
N PHE A 68 -25.13 -1.38 -21.43
CA PHE A 68 -24.11 -1.98 -20.58
C PHE A 68 -22.84 -2.19 -21.40
N VAL A 69 -21.82 -2.78 -20.76
CA VAL A 69 -20.54 -3.06 -21.39
C VAL A 69 -20.22 -4.53 -21.16
N ILE A 70 -19.83 -5.23 -22.22
CA ILE A 70 -19.33 -6.60 -22.09
C ILE A 70 -18.02 -6.68 -22.88
N ARG A 71 -17.49 -7.88 -23.06
CA ARG A 71 -16.33 -8.06 -23.90
C ARG A 71 -16.74 -8.69 -25.23
N GLY A 72 -15.90 -8.49 -26.25
CA GLY A 72 -16.18 -8.85 -27.62
C GLY A 72 -16.82 -10.20 -27.85
N ASP A 73 -16.15 -11.28 -27.41
CA ASP A 73 -16.66 -12.61 -27.71
C ASP A 73 -17.95 -12.94 -26.95
N GLU A 74 -18.44 -12.03 -26.12
CA GLU A 74 -19.72 -12.20 -25.46
C GLU A 74 -20.87 -11.46 -26.15
N VAL A 75 -20.56 -10.68 -27.20
CA VAL A 75 -21.61 -10.00 -27.94
C VAL A 75 -22.61 -10.99 -28.50
N ARG A 76 -22.13 -12.17 -28.93
CA ARG A 76 -23.02 -13.21 -29.44
C ARG A 76 -24.06 -13.63 -28.42
N GLN A 77 -23.77 -13.46 -27.12
CA GLN A 77 -24.70 -13.89 -26.09
C GLN A 77 -25.89 -12.94 -25.98
N ILE A 78 -25.77 -11.70 -26.43
CA ILE A 78 -26.90 -10.78 -26.41
C ILE A 78 -27.79 -11.08 -27.60
N ALA A 79 -28.53 -12.18 -27.51
CA ALA A 79 -29.44 -12.66 -28.54
C ALA A 79 -30.36 -13.70 -27.93
N PRO A 80 -31.57 -13.88 -28.46
CA PRO A 80 -32.48 -14.89 -27.90
C PRO A 80 -31.91 -16.29 -28.04
N GLY A 81 -32.17 -17.11 -27.02
CA GLY A 81 -31.77 -18.51 -27.06
C GLY A 81 -30.29 -18.76 -26.95
N GLN A 82 -29.55 -17.90 -26.27
CA GLN A 82 -28.12 -18.06 -26.09
C GLN A 82 -27.80 -18.43 -24.65
N THR A 83 -26.67 -19.14 -24.48
CA THR A 83 -26.16 -19.49 -23.16
C THR A 83 -24.74 -18.96 -23.00
N GLY A 84 -24.24 -19.04 -21.79
CA GLY A 84 -22.98 -18.43 -21.41
C GLY A 84 -23.14 -17.59 -20.15
N LYS A 85 -22.00 -17.10 -19.68
CA LYS A 85 -21.99 -16.35 -18.42
C LYS A 85 -22.90 -15.12 -18.49
N ILE A 86 -22.83 -14.37 -19.60
CA ILE A 86 -23.62 -13.15 -19.71
C ILE A 86 -25.10 -13.49 -19.86
N ALA A 87 -25.43 -14.39 -20.79
CA ALA A 87 -26.84 -14.71 -21.03
C ALA A 87 -27.49 -15.38 -19.84
N ASP A 88 -26.74 -16.19 -19.10
CA ASP A 88 -27.32 -16.91 -17.97
C ASP A 88 -27.35 -16.10 -16.68
N TYR A 89 -26.32 -15.29 -16.43
CA TYR A 89 -26.17 -14.66 -15.13
C TYR A 89 -26.28 -13.14 -15.14
N ASN A 90 -26.29 -12.49 -16.31
CA ASN A 90 -26.17 -11.04 -16.33
C ASN A 90 -27.28 -10.35 -17.11
N TYR A 91 -27.52 -10.76 -18.36
CA TYR A 91 -28.55 -10.12 -19.17
C TYR A 91 -29.14 -11.14 -20.13
N LYS A 92 -30.44 -11.42 -19.98
CA LYS A 92 -31.11 -12.47 -20.73
C LYS A 92 -32.19 -11.88 -21.62
N LEU A 93 -32.14 -12.23 -22.91
CA LEU A 93 -33.18 -11.84 -23.84
C LEU A 93 -34.20 -12.96 -23.99
N PRO A 94 -35.48 -12.65 -24.16
CA PRO A 94 -36.48 -13.69 -24.34
C PRO A 94 -36.39 -14.29 -25.74
N ASP A 95 -36.94 -15.50 -25.87
CA ASP A 95 -36.98 -16.15 -27.18
C ASP A 95 -37.86 -15.38 -28.16
N ASP A 96 -38.99 -14.85 -27.68
CA ASP A 96 -39.88 -14.02 -28.48
C ASP A 96 -39.46 -12.55 -28.46
N PHE A 97 -38.16 -12.29 -28.54
CA PHE A 97 -37.65 -10.93 -28.43
C PHE A 97 -38.11 -10.09 -29.61
N THR A 98 -38.75 -8.96 -29.32
CA THR A 98 -39.13 -7.97 -30.32
C THR A 98 -38.27 -6.74 -30.07
N GLY A 99 -37.18 -6.61 -30.81
CA GLY A 99 -36.34 -5.44 -30.67
C GLY A 99 -35.04 -5.59 -31.43
N CYS A 100 -34.08 -4.73 -31.06
CA CYS A 100 -32.79 -4.65 -31.72
C CYS A 100 -31.66 -4.71 -30.70
N VAL A 101 -30.55 -5.27 -31.13
CA VAL A 101 -29.31 -5.30 -30.35
C VAL A 101 -28.27 -4.54 -31.14
N ILE A 102 -27.73 -3.46 -30.56
CA ILE A 102 -26.73 -2.62 -31.18
C ILE A 102 -25.50 -2.63 -30.30
N ALA A 103 -24.32 -2.69 -30.91
CA ALA A 103 -23.09 -2.83 -30.14
C ALA A 103 -21.94 -2.28 -30.95
N TRP A 104 -20.97 -1.69 -30.24
CA TRP A 104 -19.77 -1.18 -30.89
C TRP A 104 -18.56 -1.32 -29.96
N ASN A 105 -17.39 -1.37 -30.59
CA ASN A 105 -16.13 -1.53 -29.87
C ASN A 105 -15.76 -0.23 -29.17
N SER A 106 -15.55 -0.30 -27.86
CA SER A 106 -15.21 0.86 -27.05
C SER A 106 -13.85 0.68 -26.39
N ASN A 107 -12.89 0.12 -27.13
CA ASN A 107 -11.56 -0.09 -26.58
C ASN A 107 -10.87 1.23 -26.26
N ASN A 108 -11.12 2.25 -27.07
CA ASN A 108 -10.43 3.53 -26.87
C ASN A 108 -10.99 4.30 -25.68
N LEU A 109 -12.19 3.95 -25.20
CA LEU A 109 -12.80 4.62 -24.06
C LEU A 109 -12.73 3.82 -22.77
N ASP A 110 -13.00 2.51 -22.84
CA ASP A 110 -13.18 1.70 -21.65
C ASP A 110 -11.96 0.85 -21.31
N SER A 111 -10.87 0.95 -22.06
CA SER A 111 -9.62 0.32 -21.72
C SER A 111 -8.63 1.37 -21.22
N LYS A 112 -7.68 0.92 -20.40
CA LYS A 112 -6.68 1.81 -19.82
C LYS A 112 -5.34 1.08 -19.73
N VAL A 113 -4.26 1.82 -19.92
CA VAL A 113 -2.93 1.25 -19.69
C VAL A 113 -2.83 0.78 -18.25
N GLY A 114 -2.37 -0.46 -18.08
CA GLY A 114 -2.40 -1.10 -16.78
C GLY A 114 -3.68 -1.82 -16.46
N GLY A 115 -4.74 -1.60 -17.24
CA GLY A 115 -5.97 -2.32 -17.08
C GLY A 115 -7.08 -1.56 -16.38
N ASN A 116 -8.23 -1.46 -17.03
CA ASN A 116 -9.44 -0.94 -16.40
C ASN A 116 -10.20 -2.11 -15.77
N TYR A 117 -10.39 -2.05 -14.46
CA TYR A 117 -11.03 -3.13 -13.72
C TYR A 117 -12.37 -2.71 -13.12
N ASN A 118 -12.93 -1.58 -13.59
CA ASN A 118 -14.15 -1.06 -13.00
C ASN A 118 -15.41 -1.74 -13.53
N TYR A 119 -15.36 -2.32 -14.73
CA TYR A 119 -16.53 -3.01 -15.27
C TYR A 119 -16.58 -4.43 -14.72
N LEU A 120 -17.75 -4.81 -14.20
CA LEU A 120 -17.92 -6.09 -13.54
C LEU A 120 -19.03 -6.90 -14.20
N TYR A 121 -18.96 -8.21 -14.01
CA TYR A 121 -19.99 -9.13 -14.45
C TYR A 121 -20.19 -10.20 -13.39
N ARG A 122 -21.41 -10.73 -13.31
CA ARG A 122 -21.70 -11.83 -12.40
C ARG A 122 -21.12 -13.12 -12.97
N LEU A 123 -20.24 -13.75 -12.22
CA LEU A 123 -19.60 -14.99 -12.63
C LEU A 123 -20.28 -16.23 -12.05
N PHE A 124 -20.92 -16.10 -10.90
CA PHE A 124 -21.58 -17.22 -10.24
C PHE A 124 -23.01 -16.85 -9.88
N ARG A 125 -23.93 -17.80 -10.08
CA ARG A 125 -25.31 -17.63 -9.69
C ARG A 125 -25.93 -19.01 -9.51
N LYS A 126 -26.92 -19.09 -8.62
CA LYS A 126 -27.54 -20.38 -8.33
C LYS A 126 -28.43 -20.84 -9.48
N SER A 127 -29.12 -19.90 -10.14
CA SER A 127 -29.99 -20.21 -11.25
C SER A 127 -29.77 -19.20 -12.36
N ASN A 128 -30.28 -19.53 -13.54
CA ASN A 128 -30.22 -18.62 -14.67
C ASN A 128 -31.25 -17.51 -14.50
N LEU A 129 -30.96 -16.36 -15.11
CA LEU A 129 -31.91 -15.26 -15.08
C LEU A 129 -33.10 -15.55 -15.99
N LYS A 130 -34.24 -15.01 -15.61
CA LYS A 130 -35.37 -14.94 -16.52
C LYS A 130 -35.19 -13.74 -17.44
N PRO A 131 -35.85 -13.74 -18.59
CA PRO A 131 -35.70 -12.61 -19.53
C PRO A 131 -35.92 -11.26 -18.84
N PHE A 132 -34.97 -10.34 -19.08
CA PHE A 132 -35.01 -8.98 -18.57
C PHE A 132 -34.92 -8.92 -17.05
N GLU A 133 -34.51 -10.01 -16.40
CA GLU A 133 -34.27 -9.98 -14.96
C GLU A 133 -32.89 -9.39 -14.69
N ARG A 134 -32.81 -8.55 -13.64
CA ARG A 134 -31.57 -7.90 -13.25
C ARG A 134 -31.24 -8.29 -11.82
N ASP A 135 -30.04 -8.81 -11.62
CA ASP A 135 -29.56 -9.24 -10.31
C ASP A 135 -28.38 -8.36 -9.93
N ILE A 136 -28.58 -7.49 -8.95
CA ILE A 136 -27.50 -6.65 -8.42
C ILE A 136 -27.14 -7.07 -6.99
N SER A 137 -27.54 -8.27 -6.57
CA SER A 137 -27.16 -8.79 -5.28
C SER A 137 -25.64 -8.98 -5.19
N THR A 138 -25.13 -8.98 -3.96
CA THR A 138 -23.72 -9.19 -3.68
C THR A 138 -23.58 -10.11 -2.46
N GLU A 139 -24.20 -11.28 -2.56
CA GLU A 139 -24.05 -12.32 -1.54
C GLU A 139 -22.94 -13.27 -1.97
N ILE A 140 -22.12 -13.69 -1.00
CA ILE A 140 -21.08 -14.66 -1.28
C ILE A 140 -21.72 -15.93 -1.82
N TYR A 141 -21.23 -16.40 -2.96
CA TYR A 141 -21.78 -17.58 -3.60
C TYR A 141 -21.27 -18.84 -2.92
N GLN A 142 -22.20 -19.65 -2.40
CA GLN A 142 -21.86 -20.88 -1.70
C GLN A 142 -21.73 -22.00 -2.72
N ALA A 143 -20.48 -22.35 -3.07
CA ALA A 143 -20.24 -23.35 -4.09
C ALA A 143 -20.30 -24.77 -3.52
N GLY A 144 -19.97 -24.95 -2.25
CA GLY A 144 -19.99 -26.25 -1.61
C GLY A 144 -21.12 -26.40 -0.62
N SER A 145 -20.95 -27.37 0.29
CA SER A 145 -21.96 -27.66 1.30
C SER A 145 -21.80 -26.80 2.56
N THR A 146 -20.70 -26.07 2.68
CA THR A 146 -20.46 -25.25 3.86
C THR A 146 -21.05 -23.86 3.66
N PRO A 147 -21.92 -23.40 4.54
CA PRO A 147 -22.34 -21.98 4.50
C PRO A 147 -21.14 -21.05 4.60
N CYS A 148 -21.31 -19.87 4.02
CA CYS A 148 -20.23 -18.91 3.83
C CYS A 148 -20.20 -17.81 4.87
N ASN A 149 -21.37 -17.43 5.40
CA ASN A 149 -21.50 -16.38 6.40
C ASN A 149 -20.86 -15.09 5.92
N GLY A 150 -21.09 -14.76 4.65
CA GLY A 150 -20.68 -13.48 4.10
C GLY A 150 -19.19 -13.27 3.99
N VAL A 151 -18.39 -14.34 3.98
CA VAL A 151 -16.94 -14.24 3.92
C VAL A 151 -16.45 -15.08 2.76
N GLU A 152 -15.70 -14.47 1.85
CA GLU A 152 -15.20 -15.20 0.70
C GLU A 152 -14.03 -16.09 1.12
N GLY A 153 -13.91 -17.23 0.45
CA GLY A 153 -12.88 -18.19 0.80
C GLY A 153 -13.08 -19.50 0.06
N PHE A 154 -12.62 -20.58 0.67
CA PHE A 154 -12.75 -21.89 0.05
C PHE A 154 -14.21 -22.23 -0.19
N ASN A 155 -14.55 -22.51 -1.44
CA ASN A 155 -15.91 -22.88 -1.87
C ASN A 155 -16.92 -21.78 -1.60
N CYS A 156 -16.46 -20.54 -1.45
CA CYS A 156 -17.32 -19.40 -1.11
C CYS A 156 -16.80 -18.20 -1.90
N TYR A 157 -17.40 -17.96 -3.07
CA TYR A 157 -16.86 -17.02 -4.05
C TYR A 157 -17.64 -15.72 -4.02
N PHE A 158 -16.91 -14.62 -4.11
CA PHE A 158 -17.55 -13.33 -4.38
C PHE A 158 -18.20 -13.40 -5.75
N PRO A 159 -19.47 -13.01 -5.88
CA PRO A 159 -20.22 -13.33 -7.11
C PRO A 159 -19.82 -12.52 -8.33
N LEU A 160 -19.33 -11.30 -8.13
CA LEU A 160 -18.96 -10.42 -9.23
C LEU A 160 -17.46 -10.47 -9.47
N GLN A 161 -17.12 -10.44 -10.76
CA GLN A 161 -15.70 -10.47 -11.21
C GLN A 161 -15.52 -9.23 -12.09
N SER A 162 -14.31 -8.69 -12.18
CA SER A 162 -14.01 -7.57 -13.06
C SER A 162 -13.50 -8.05 -14.40
N TYR A 163 -13.90 -7.36 -15.46
CA TYR A 163 -13.21 -7.48 -16.73
C TYR A 163 -11.81 -6.86 -16.62
N GLY A 164 -10.87 -7.44 -17.35
CA GLY A 164 -9.54 -6.87 -17.42
C GLY A 164 -9.31 -6.19 -18.76
N PHE A 165 -9.70 -4.92 -18.87
CA PHE A 165 -9.68 -4.22 -20.16
C PHE A 165 -8.37 -3.46 -20.29
N GLN A 166 -7.46 -4.00 -21.10
CA GLN A 166 -6.23 -3.35 -21.51
C GLN A 166 -6.26 -3.08 -23.01
N PRO A 167 -5.67 -1.96 -23.47
CA PRO A 167 -5.75 -1.63 -24.90
C PRO A 167 -5.18 -2.71 -25.81
N THR A 168 -4.22 -3.50 -25.33
CA THR A 168 -3.58 -4.51 -26.16
C THR A 168 -4.28 -5.87 -26.09
N ASN A 169 -5.44 -5.95 -25.44
CA ASN A 169 -6.21 -7.19 -25.44
C ASN A 169 -6.60 -7.59 -26.85
N GLY A 170 -6.69 -8.90 -27.08
CA GLY A 170 -7.31 -9.38 -28.30
C GLY A 170 -8.72 -8.88 -28.43
N VAL A 171 -9.18 -8.77 -29.68
CA VAL A 171 -10.47 -8.12 -29.95
C VAL A 171 -11.61 -8.81 -29.20
N GLY A 172 -11.51 -10.14 -29.01
CA GLY A 172 -12.52 -10.85 -28.25
C GLY A 172 -12.53 -10.48 -26.78
N TYR A 173 -11.46 -9.87 -26.28
CA TYR A 173 -11.37 -9.46 -24.89
C TYR A 173 -11.43 -7.95 -24.72
N GLN A 174 -11.64 -7.20 -25.80
CA GLN A 174 -11.78 -5.76 -25.72
C GLN A 174 -13.20 -5.38 -25.33
N PRO A 175 -13.38 -4.20 -24.73
CA PRO A 175 -14.73 -3.81 -24.30
C PRO A 175 -15.62 -3.44 -25.46
N TYR A 176 -16.91 -3.73 -25.30
CA TYR A 176 -17.95 -3.39 -26.27
C TYR A 176 -19.13 -2.80 -25.52
N ARG A 177 -19.61 -1.66 -26.00
CA ARG A 177 -20.80 -1.04 -25.45
C ARG A 177 -22.02 -1.53 -26.21
N VAL A 178 -23.08 -1.84 -25.47
CA VAL A 178 -24.26 -2.52 -26.00
C VAL A 178 -25.50 -1.76 -25.57
N VAL A 179 -26.40 -1.53 -26.52
CA VAL A 179 -27.74 -0.99 -26.28
C VAL A 179 -28.75 -1.96 -26.90
N VAL A 180 -29.66 -2.44 -26.06
CA VAL A 180 -30.74 -3.32 -26.47
C VAL A 180 -32.03 -2.52 -26.43
N LEU A 181 -32.66 -2.33 -27.58
CA LEU A 181 -33.94 -1.66 -27.69
C LEU A 181 -35.03 -2.72 -27.73
N SER A 182 -35.94 -2.68 -26.76
CA SER A 182 -37.12 -3.53 -26.75
C SER A 182 -38.35 -2.67 -27.00
N PHE A 183 -39.24 -3.14 -27.87
CA PHE A 183 -40.38 -2.38 -28.34
C PHE A 183 -41.65 -2.93 -27.68
N GLU A 184 -42.20 -2.16 -26.73
CA GLU A 184 -43.31 -2.59 -25.91
C GLU A 184 -44.61 -2.07 -26.51
N LEU A 185 -45.51 -2.98 -26.85
CA LEU A 185 -46.82 -2.69 -27.44
C LEU A 185 -47.90 -3.06 -26.45
N LEU A 186 -48.41 -2.07 -25.73
CA LEU A 186 -49.51 -2.30 -24.81
C LEU A 186 -50.83 -1.97 -25.49
N HIS A 187 -51.92 -2.31 -24.82
CA HIS A 187 -53.26 -1.94 -25.29
C HIS A 187 -53.66 -0.57 -24.79
N ALA A 188 -52.70 0.35 -24.86
CA ALA A 188 -52.85 1.76 -24.53
C ALA A 188 -52.40 2.56 -25.75
N PRO A 189 -52.64 3.87 -25.76
CA PRO A 189 -52.19 4.68 -26.91
C PRO A 189 -50.68 4.58 -27.12
N ALA A 190 -50.30 4.34 -28.37
CA ALA A 190 -48.88 4.28 -28.71
C ALA A 190 -48.26 5.67 -28.67
N THR A 191 -47.06 5.76 -28.10
CA THR A 191 -46.45 7.05 -27.81
C THR A 191 -45.16 7.33 -28.56
N VAL A 192 -44.52 6.33 -29.17
CA VAL A 192 -43.29 6.53 -29.93
C VAL A 192 -43.52 6.07 -31.35
N CYS A 193 -43.04 6.86 -32.31
CA CYS A 193 -43.30 6.60 -33.73
C CYS A 193 -42.11 7.07 -34.55
N GLY A 194 -42.13 6.70 -35.83
CA GLY A 194 -41.24 7.28 -36.79
C GLY A 194 -41.71 8.64 -37.25
N PRO A 195 -40.92 9.27 -38.12
CA PRO A 195 -41.27 10.61 -38.64
C PRO A 195 -42.55 10.62 -39.45
N GLN B 1 -0.68 -8.68 -9.21
CA GLN B 1 0.03 -7.46 -9.59
C GLN B 1 -0.68 -6.26 -9.03
N VAL B 2 -1.42 -6.46 -7.94
CA VAL B 2 -2.06 -5.36 -7.23
C VAL B 2 -0.99 -4.56 -6.51
N GLN B 3 -1.02 -3.24 -6.68
CA GLN B 3 -0.03 -2.35 -6.06
C GLN B 3 -0.74 -1.16 -5.44
N LEU B 4 -0.37 -0.83 -4.21
CA LEU B 4 -0.89 0.35 -3.53
C LEU B 4 0.25 1.36 -3.42
N VAL B 5 0.06 2.53 -4.04
CA VAL B 5 1.07 3.58 -4.05
C VAL B 5 0.48 4.80 -3.36
N GLN B 6 1.12 5.24 -2.28
CA GLN B 6 0.60 6.32 -1.47
C GLN B 6 1.29 7.65 -1.79
N SER B 7 0.62 8.74 -1.41
CA SER B 7 1.18 10.07 -1.60
C SER B 7 2.35 10.31 -0.64
N GLY B 8 3.10 11.39 -0.91
CA GLY B 8 4.37 11.59 -0.25
C GLY B 8 4.23 12.17 1.15
N ALA B 9 5.32 12.03 1.92
CA ALA B 9 5.35 12.51 3.29
C ALA B 9 5.21 14.02 3.35
N GLU B 10 4.68 14.52 4.46
CA GLU B 10 4.54 15.97 4.60
C GLU B 10 4.46 16.36 6.07
N VAL B 11 4.64 17.65 6.31
CA VAL B 11 4.47 18.28 7.61
C VAL B 11 3.21 19.14 7.55
N LYS B 12 2.48 19.18 8.66
CA LYS B 12 1.24 19.95 8.75
C LYS B 12 1.22 20.65 10.09
N LYS B 13 0.68 21.87 10.10
CA LYS B 13 0.60 22.63 11.34
C LYS B 13 -0.46 22.02 12.25
N PRO B 14 -0.31 22.19 13.57
CA PRO B 14 -1.37 21.76 14.48
C PRO B 14 -2.68 22.46 14.17
N GLY B 15 -3.77 21.72 14.26
CA GLY B 15 -5.09 22.25 13.98
C GLY B 15 -5.50 22.25 12.53
N SER B 16 -4.57 22.01 11.60
CA SER B 16 -4.91 21.94 10.19
C SER B 16 -5.36 20.52 9.86
N SER B 17 -5.58 20.24 8.57
CA SER B 17 -6.08 18.94 8.13
C SER B 17 -5.17 18.40 7.04
N VAL B 18 -5.16 17.07 6.92
CA VAL B 18 -4.27 16.37 5.99
C VAL B 18 -5.10 15.39 5.16
N ARG B 19 -4.67 15.20 3.91
CA ARG B 19 -5.24 14.18 3.04
C ARG B 19 -4.13 13.27 2.55
N VAL B 20 -4.24 11.98 2.86
CA VAL B 20 -3.35 10.95 2.35
C VAL B 20 -4.11 10.17 1.28
N SER B 21 -3.45 9.89 0.17
CA SER B 21 -4.05 9.15 -0.92
C SER B 21 -3.31 7.83 -1.11
N CYS B 22 -4.03 6.87 -1.70
CA CYS B 22 -3.46 5.56 -1.99
C CYS B 22 -4.10 5.05 -3.28
N LYS B 23 -3.35 5.07 -4.37
CA LYS B 23 -3.83 4.59 -5.65
C LYS B 23 -3.59 3.09 -5.76
N ALA B 24 -4.65 2.36 -6.10
CA ALA B 24 -4.58 0.92 -6.30
C ALA B 24 -4.49 0.63 -7.79
N SER B 25 -3.60 -0.28 -8.16
CA SER B 25 -3.37 -0.63 -9.55
C SER B 25 -3.31 -2.14 -9.71
N GLY B 26 -3.60 -2.59 -10.92
CA GLY B 26 -3.42 -3.98 -11.28
C GLY B 26 -4.46 -4.94 -10.77
N GLY B 27 -5.67 -4.47 -10.47
CA GLY B 27 -6.71 -5.37 -10.01
C GLY B 27 -7.98 -4.62 -9.67
N THR B 28 -8.99 -5.39 -9.30
CA THR B 28 -10.28 -4.81 -8.93
C THR B 28 -10.13 -3.92 -7.70
N PHE B 29 -10.76 -2.76 -7.75
CA PHE B 29 -10.73 -1.80 -6.66
C PHE B 29 -12.03 -1.70 -5.88
N SER B 30 -13.16 -1.73 -6.58
CA SER B 30 -14.43 -1.36 -5.95
C SER B 30 -14.91 -2.41 -4.96
N THR B 31 -14.60 -3.69 -5.19
CA THR B 31 -15.16 -4.75 -4.38
C THR B 31 -14.29 -5.14 -3.19
N TYR B 32 -13.08 -4.58 -3.07
CA TYR B 32 -12.21 -5.00 -1.98
C TYR B 32 -12.25 -3.99 -0.85
N PRO B 33 -12.39 -4.43 0.39
CA PRO B 33 -12.28 -3.50 1.51
C PRO B 33 -10.88 -2.90 1.58
N ILE B 34 -10.81 -1.62 1.89
CA ILE B 34 -9.55 -0.90 2.07
C ILE B 34 -9.56 -0.27 3.46
N SER B 35 -8.47 -0.42 4.18
CA SER B 35 -8.33 0.10 5.53
C SER B 35 -7.13 1.04 5.61
N TRP B 36 -7.17 1.90 6.62
CA TRP B 36 -6.08 2.80 6.95
C TRP B 36 -5.54 2.44 8.33
N VAL B 37 -4.22 2.27 8.42
CA VAL B 37 -3.57 1.85 9.66
C VAL B 37 -2.39 2.79 9.91
N ARG B 38 -2.32 3.37 11.11
CA ARG B 38 -1.24 4.29 11.40
C ARG B 38 -0.33 3.74 12.49
N GLN B 39 0.90 4.25 12.49
CA GLN B 39 1.95 3.79 13.40
C GLN B 39 2.77 4.99 13.83
N ALA B 40 2.62 5.41 15.08
CA ALA B 40 3.45 6.47 15.61
C ALA B 40 4.91 6.01 15.64
N PRO B 41 5.88 6.94 15.48
CA PRO B 41 7.29 6.54 15.44
C PRO B 41 7.69 5.69 16.63
N GLY B 42 8.23 4.50 16.35
CA GLY B 42 8.62 3.56 17.38
C GLY B 42 7.47 2.97 18.18
N GLN B 43 6.24 3.08 17.70
CA GLN B 43 5.07 2.59 18.42
C GLN B 43 4.38 1.50 17.61
N GLY B 44 3.21 1.07 18.09
CA GLY B 44 2.51 -0.05 17.48
C GLY B 44 1.48 0.37 16.44
N LEU B 45 0.94 -0.63 15.76
CA LEU B 45 -0.08 -0.40 14.75
C LEU B 45 -1.41 -0.08 15.40
N GLU B 46 -2.18 0.81 14.78
CA GLU B 46 -3.53 1.08 15.23
C GLU B 46 -4.42 1.25 14.02
N TRP B 47 -5.49 0.46 13.96
CA TRP B 47 -6.45 0.51 12.86
C TRP B 47 -7.31 1.75 13.01
N MET B 48 -7.44 2.52 11.93
CA MET B 48 -8.25 3.72 11.94
C MET B 48 -9.65 3.48 11.41
N GLY B 49 -9.76 2.80 10.27
CA GLY B 49 -11.05 2.54 9.68
C GLY B 49 -10.88 1.89 8.32
N GLY B 50 -12.01 1.66 7.68
CA GLY B 50 -12.06 0.97 6.41
C GLY B 50 -13.33 1.30 5.65
N ILE B 51 -13.33 0.92 4.39
CA ILE B 51 -14.39 1.25 3.46
C ILE B 51 -14.48 0.14 2.41
N ILE B 52 -15.69 -0.17 1.99
CA ILE B 52 -15.90 -1.00 0.81
C ILE B 52 -16.53 -0.12 -0.27
N PRO B 53 -15.79 0.24 -1.32
CA PRO B 53 -16.30 1.26 -2.26
C PRO B 53 -17.63 0.90 -2.91
N ILE B 54 -17.79 -0.34 -3.39
CA ILE B 54 -18.99 -0.70 -4.12
C ILE B 54 -20.21 -0.65 -3.22
N PHE B 55 -20.06 -0.94 -1.93
CA PHE B 55 -21.19 -0.90 -1.02
C PHE B 55 -21.45 0.51 -0.48
N GLY B 56 -20.47 1.41 -0.59
CA GLY B 56 -20.61 2.70 0.05
C GLY B 56 -20.65 2.62 1.57
N THR B 57 -20.14 1.54 2.15
CA THR B 57 -20.14 1.35 3.59
C THR B 57 -18.75 1.58 4.15
N ALA B 58 -18.71 2.13 5.36
CA ALA B 58 -17.44 2.45 6.00
C ALA B 58 -17.57 2.24 7.51
N LYS B 59 -16.43 2.19 8.17
CA LYS B 59 -16.40 2.02 9.62
C LYS B 59 -15.06 2.53 10.13
N SER B 60 -15.11 3.37 11.17
CA SER B 60 -13.89 3.87 11.79
C SER B 60 -13.93 3.58 13.29
N ALA B 61 -12.73 3.48 13.88
CA ALA B 61 -12.65 3.37 15.33
C ALA B 61 -13.25 4.61 15.97
N GLN B 62 -13.84 4.42 17.16
CA GLN B 62 -14.60 5.51 17.77
C GLN B 62 -13.72 6.71 18.06
N LYS B 63 -12.46 6.48 18.43
CA LYS B 63 -11.55 7.59 18.71
C LYS B 63 -11.29 8.44 17.47
N PHE B 64 -11.61 7.94 16.28
CA PHE B 64 -11.40 8.67 15.03
C PHE B 64 -12.69 9.19 14.42
N GLN B 65 -13.84 8.95 15.06
CA GLN B 65 -15.11 9.37 14.49
C GLN B 65 -15.28 10.88 14.64
N GLY B 66 -15.83 11.50 13.59
CA GLY B 66 -15.98 12.94 13.55
C GLY B 66 -14.71 13.70 13.21
N ARG B 67 -13.56 13.05 13.25
CA ARG B 67 -12.28 13.67 12.91
C ARG B 67 -11.63 13.07 11.67
N VAL B 68 -11.96 11.84 11.30
CA VAL B 68 -11.35 11.15 10.17
C VAL B 68 -12.44 10.80 9.17
N THR B 69 -12.17 11.08 7.89
CA THR B 69 -13.06 10.71 6.80
C THR B 69 -12.29 9.81 5.84
N ILE B 70 -12.84 8.64 5.55
CA ILE B 70 -12.25 7.69 4.61
C ILE B 70 -13.17 7.60 3.40
N THR B 71 -12.61 7.88 2.22
CA THR B 71 -13.41 7.90 1.01
C THR B 71 -12.70 7.13 -0.09
N ALA B 72 -13.40 6.97 -1.21
CA ALA B 72 -12.86 6.22 -2.33
C ALA B 72 -13.35 6.83 -3.63
N ASP B 73 -12.46 6.87 -4.61
CA ASP B 73 -12.76 7.27 -5.99
C ASP B 73 -12.56 6.01 -6.83
N GLU B 74 -13.67 5.42 -7.26
CA GLU B 74 -13.62 4.16 -8.01
C GLU B 74 -13.11 4.37 -9.43
N PHE B 75 -13.33 5.56 -9.99
CA PHE B 75 -12.90 5.80 -11.37
C PHE B 75 -11.40 5.99 -11.50
N THR B 76 -10.73 6.47 -10.45
CA THR B 76 -9.27 6.60 -10.42
C THR B 76 -8.60 5.54 -9.55
N SER B 77 -9.38 4.61 -8.99
CA SER B 77 -8.87 3.50 -8.19
C SER B 77 -8.06 3.98 -6.99
N THR B 78 -8.60 4.98 -6.28
CA THR B 78 -7.83 5.68 -5.26
C THR B 78 -8.63 5.82 -3.97
N ALA B 79 -8.05 5.36 -2.86
CA ALA B 79 -8.63 5.55 -1.54
C ALA B 79 -8.01 6.77 -0.87
N TYR B 80 -8.77 7.40 0.02
CA TYR B 80 -8.37 8.64 0.68
C TYR B 80 -8.64 8.56 2.17
N MET B 81 -7.68 9.07 2.95
CA MET B 81 -7.87 9.31 4.38
C MET B 81 -7.68 10.80 4.64
N GLU B 82 -8.61 11.41 5.36
CA GLU B 82 -8.56 12.82 5.67
C GLU B 82 -8.70 12.99 7.17
N MET B 83 -7.80 13.76 7.77
CA MET B 83 -7.80 13.98 9.22
C MET B 83 -7.79 15.47 9.51
N SER B 84 -8.73 15.92 10.34
CA SER B 84 -8.88 17.32 10.66
C SER B 84 -8.40 17.59 12.09
N SER B 85 -8.15 18.87 12.37
CA SER B 85 -7.66 19.33 13.67
C SER B 85 -6.48 18.48 14.14
N LEU B 86 -5.42 18.52 13.33
CA LEU B 86 -4.26 17.68 13.58
C LEU B 86 -3.60 18.06 14.89
N ARG B 87 -3.31 17.05 15.71
CA ARG B 87 -2.51 17.18 16.91
C ARG B 87 -1.17 16.50 16.70
N SER B 88 -0.20 16.84 17.55
CA SER B 88 1.13 16.26 17.41
C SER B 88 1.11 14.74 17.60
N GLU B 89 0.16 14.23 18.40
CA GLU B 89 0.02 12.79 18.53
C GLU B 89 -0.46 12.12 17.25
N ASP B 90 -0.90 12.90 16.26
CA ASP B 90 -1.23 12.36 14.94
C ASP B 90 0.00 12.17 14.07
N THR B 91 1.17 12.61 14.52
CA THR B 91 2.41 12.34 13.79
C THR B 91 2.63 10.84 13.72
N ALA B 92 2.63 10.29 12.51
CA ALA B 92 2.71 8.84 12.36
C ALA B 92 2.94 8.49 10.91
N MET B 93 3.26 7.22 10.68
CA MET B 93 3.26 6.63 9.35
C MET B 93 1.87 6.07 9.07
N TYR B 94 1.23 6.55 8.01
CA TYR B 94 -0.12 6.13 7.65
C TYR B 94 -0.06 5.19 6.46
N TYR B 95 -0.66 4.02 6.61
CA TYR B 95 -0.58 2.92 5.66
C TYR B 95 -1.95 2.64 5.06
N CYS B 96 -1.95 2.43 3.75
CA CYS B 96 -3.07 1.87 3.00
C CYS B 96 -2.96 0.35 3.05
N ALA B 97 -4.07 -0.34 3.31
CA ALA B 97 -4.04 -1.79 3.46
C ALA B 97 -5.31 -2.41 2.86
N ARG B 98 -5.15 -3.17 1.79
CA ARG B 98 -6.28 -3.86 1.18
C ARG B 98 -6.56 -5.16 1.91
N GLU B 99 -7.85 -5.46 2.11
CA GLU B 99 -8.23 -6.74 2.70
C GLU B 99 -7.82 -7.89 1.80
N GLY B 100 -7.43 -9.00 2.42
CA GLY B 100 -7.08 -10.20 1.69
C GLY B 100 -8.23 -10.99 1.13
N ARG B 101 -9.45 -10.51 1.33
CA ARG B 101 -10.64 -11.20 0.83
C ARG B 101 -11.78 -10.19 0.80
N ARG B 102 -12.91 -10.63 0.24
CA ARG B 102 -14.09 -9.79 0.13
C ARG B 102 -15.21 -10.33 1.01
N TYR B 103 -16.17 -9.46 1.30
CA TYR B 103 -17.30 -9.80 2.15
C TYR B 103 -18.60 -9.46 1.44
N GLY B 104 -19.64 -10.22 1.75
CA GLY B 104 -20.94 -9.93 1.19
C GLY B 104 -21.55 -8.68 1.81
N SER B 105 -22.53 -8.13 1.10
CA SER B 105 -23.22 -6.93 1.58
C SER B 105 -23.89 -7.22 2.91
N GLY B 106 -23.88 -6.22 3.79
CA GLY B 106 -24.45 -6.40 5.11
C GLY B 106 -23.57 -7.13 6.09
N TRP B 107 -22.32 -7.44 5.73
CA TRP B 107 -21.44 -8.16 6.65
C TRP B 107 -20.33 -7.23 7.12
N TYR B 108 -19.08 -7.70 7.10
CA TYR B 108 -17.99 -6.95 7.71
C TYR B 108 -17.40 -5.92 6.76
N ILE B 109 -16.82 -4.88 7.34
CA ILE B 109 -15.95 -3.98 6.58
C ILE B 109 -14.55 -4.57 6.51
N SER B 110 -13.92 -4.78 7.66
CA SER B 110 -12.66 -5.48 7.74
C SER B 110 -12.68 -6.39 8.96
N THR B 111 -12.12 -7.59 8.81
CA THR B 111 -11.92 -8.49 9.93
C THR B 111 -10.46 -8.54 10.36
N GLY B 112 -9.62 -7.67 9.81
CA GLY B 112 -8.22 -7.61 10.18
C GLY B 112 -7.27 -8.42 9.32
N TYR B 113 -7.71 -8.85 8.14
CA TYR B 113 -6.90 -9.65 7.22
C TYR B 113 -6.49 -8.76 6.06
N PHE B 114 -5.24 -8.31 6.05
CA PHE B 114 -4.73 -7.37 5.07
C PHE B 114 -3.65 -8.04 4.22
N ASP B 115 -3.86 -8.05 2.90
CA ASP B 115 -2.96 -8.72 1.96
C ASP B 115 -1.91 -7.78 1.39
N TYR B 116 -2.33 -6.64 0.83
CA TYR B 116 -1.42 -5.68 0.22
C TYR B 116 -1.39 -4.41 1.04
N TRP B 117 -0.21 -3.80 1.16
CA TRP B 117 -0.05 -2.55 1.88
C TRP B 117 0.57 -1.51 0.96
N GLY B 118 0.21 -0.25 1.19
CA GLY B 118 0.95 0.84 0.59
C GLY B 118 2.32 0.98 1.22
N GLN B 119 3.15 1.83 0.61
CA GLN B 119 4.49 2.02 1.14
C GLN B 119 4.52 2.86 2.41
N GLY B 120 3.40 3.48 2.77
CA GLY B 120 3.37 4.31 3.96
C GLY B 120 3.64 5.78 3.65
N THR B 121 3.01 6.65 4.42
CA THR B 121 3.14 8.09 4.27
C THR B 121 3.40 8.71 5.63
N LEU B 122 4.54 9.35 5.79
CA LEU B 122 4.88 9.96 7.07
C LEU B 122 4.25 11.35 7.16
N VAL B 123 3.34 11.52 8.12
CA VAL B 123 2.73 12.81 8.41
C VAL B 123 3.29 13.29 9.73
N THR B 124 3.94 14.46 9.70
CA THR B 124 4.52 15.06 10.89
C THR B 124 3.73 16.31 11.24
N VAL B 125 3.14 16.33 12.43
CA VAL B 125 2.36 17.48 12.90
C VAL B 125 3.30 18.34 13.75
N SER B 126 3.62 19.52 13.25
CA SER B 126 4.56 20.41 13.92
C SER B 126 4.38 21.82 13.38
N SER B 127 4.72 22.80 14.21
CA SER B 127 4.70 24.20 13.79
C SER B 127 6.05 24.66 13.26
N ALA B 128 7.10 23.86 13.41
CA ALA B 128 8.38 24.16 12.79
C ALA B 128 8.26 24.01 11.27
N SER B 129 9.06 24.80 10.56
CA SER B 129 9.00 24.82 9.10
C SER B 129 10.03 23.88 8.51
N THR B 130 9.71 23.35 7.32
CA THR B 130 10.60 22.43 6.63
C THR B 130 11.93 23.12 6.31
N LYS B 131 12.99 22.33 6.27
CA LYS B 131 14.27 22.81 5.77
C LYS B 131 15.02 21.66 5.12
N GLY B 132 15.54 21.91 3.93
CA GLY B 132 16.26 20.92 3.17
C GLY B 132 17.55 20.53 3.86
N PRO B 133 18.03 19.32 3.58
CA PRO B 133 19.26 18.83 4.22
C PRO B 133 20.51 19.42 3.58
N SER B 134 21.59 19.38 4.36
CA SER B 134 22.93 19.74 3.89
C SER B 134 23.76 18.48 3.84
N VAL B 135 24.23 18.10 2.65
CA VAL B 135 24.91 16.83 2.44
C VAL B 135 26.41 17.08 2.32
N PHE B 136 27.18 16.42 3.17
CA PHE B 136 28.64 16.52 3.14
C PHE B 136 29.25 15.15 2.95
N PRO B 137 30.39 15.06 2.26
CA PRO B 137 30.99 13.74 2.03
C PRO B 137 31.79 13.26 3.23
N LEU B 138 31.77 11.95 3.42
CA LEU B 138 32.64 11.25 4.37
C LEU B 138 33.61 10.46 3.51
N ALA B 139 34.79 11.03 3.29
CA ALA B 139 35.73 10.56 2.29
C ALA B 139 36.57 9.40 2.82
N PRO B 140 36.90 8.44 1.97
CA PRO B 140 37.81 7.36 2.38
C PRO B 140 39.26 7.74 2.08
N SER B 141 40.16 6.89 2.56
CA SER B 141 41.59 7.08 2.32
C SER B 141 42.18 5.90 1.56
N GLY B 148 42.66 -4.21 0.45
CA GLY B 148 41.48 -4.51 1.25
C GLY B 148 40.28 -3.64 0.88
N THR B 149 39.49 -3.28 1.90
CA THR B 149 38.31 -2.46 1.70
C THR B 149 38.44 -1.16 2.48
N ALA B 150 37.53 -0.23 2.17
CA ALA B 150 37.49 1.06 2.83
C ALA B 150 36.04 1.54 2.88
N ALA B 151 35.69 2.23 3.95
CA ALA B 151 34.35 2.76 4.12
C ALA B 151 34.30 4.21 3.66
N LEU B 152 33.20 4.57 3.01
CA LEU B 152 32.93 5.96 2.65
C LEU B 152 31.43 6.21 2.83
N GLY B 153 31.03 7.46 2.72
CA GLY B 153 29.60 7.74 2.81
C GLY B 153 29.30 9.20 2.65
N CYS B 154 28.10 9.58 3.07
CA CYS B 154 27.79 11.00 3.19
C CYS B 154 26.90 11.24 4.39
N LEU B 155 27.07 12.43 4.95
CA LEU B 155 26.39 12.89 6.16
C LEU B 155 25.32 13.89 5.75
N VAL B 156 24.07 13.56 6.05
CA VAL B 156 22.90 14.37 5.72
C VAL B 156 22.51 15.11 6.99
N LYS B 157 22.70 16.42 7.00
CA LYS B 157 22.68 17.22 8.22
C LYS B 157 21.54 18.22 8.22
N ASP B 158 20.96 18.43 9.41
CA ASP B 158 20.12 19.58 9.71
C ASP B 158 18.95 19.69 8.72
N TYR B 159 18.08 18.68 8.77
CA TYR B 159 16.86 18.69 7.97
C TYR B 159 15.64 18.51 8.88
N PHE B 160 14.48 18.88 8.34
CA PHE B 160 13.22 18.76 9.05
C PHE B 160 12.10 18.87 8.05
N PRO B 161 11.07 18.02 8.14
CA PRO B 161 11.03 16.90 9.09
C PRO B 161 11.60 15.62 8.49
N GLU B 162 11.40 14.50 9.19
CA GLU B 162 11.58 13.21 8.56
C GLU B 162 10.53 13.04 7.46
N PRO B 163 10.81 12.19 6.46
CA PRO B 163 11.98 11.35 6.27
C PRO B 163 12.94 11.85 5.20
N VAL B 164 14.12 11.23 5.16
CA VAL B 164 15.09 11.42 4.10
C VAL B 164 15.42 10.05 3.54
N THR B 165 15.42 9.94 2.22
CA THR B 165 15.80 8.70 1.56
C THR B 165 17.18 8.87 0.93
N VAL B 166 18.00 7.82 1.01
CA VAL B 166 19.36 7.87 0.48
C VAL B 166 19.56 6.66 -0.43
N SER B 167 20.00 6.92 -1.65
CA SER B 167 20.46 5.88 -2.55
C SER B 167 21.90 6.19 -2.94
N TRP B 168 22.56 5.22 -3.59
CA TRP B 168 23.92 5.41 -4.05
C TRP B 168 23.99 5.04 -5.54
N ASN B 169 24.64 5.92 -6.32
CA ASN B 169 24.78 5.73 -7.76
C ASN B 169 23.44 5.45 -8.41
N SER B 170 22.43 6.22 -8.02
CA SER B 170 21.08 6.15 -8.58
C SER B 170 20.48 4.75 -8.43
N GLY B 171 20.85 4.04 -7.37
CA GLY B 171 20.34 2.71 -7.12
C GLY B 171 21.21 1.58 -7.62
N ALA B 172 22.32 1.88 -8.30
CA ALA B 172 23.23 0.86 -8.79
C ALA B 172 24.23 0.42 -7.72
N LEU B 173 24.21 1.03 -6.54
CA LEU B 173 25.08 0.64 -5.43
C LEU B 173 24.18 0.45 -4.20
N THR B 174 23.93 -0.81 -3.85
CA THR B 174 23.07 -1.13 -2.71
C THR B 174 23.74 -2.13 -1.79
N SER B 175 24.61 -2.98 -2.33
CA SER B 175 25.30 -3.98 -1.53
C SER B 175 26.39 -3.32 -0.69
N GLY B 176 26.45 -3.67 0.59
CA GLY B 176 27.36 -3.03 1.51
C GLY B 176 26.90 -1.67 2.00
N VAL B 177 25.69 -1.24 1.64
CA VAL B 177 25.17 0.07 2.02
C VAL B 177 24.38 -0.06 3.31
N HIS B 178 24.60 0.88 4.22
CA HIS B 178 23.77 1.00 5.42
C HIS B 178 23.47 2.47 5.66
N THR B 179 22.19 2.82 5.71
CA THR B 179 21.76 4.17 6.05
C THR B 179 21.23 4.15 7.47
N PHE B 180 21.84 4.93 8.34
CA PHE B 180 21.55 4.89 9.77
C PHE B 180 20.26 5.60 10.11
N PRO B 181 19.65 5.26 11.25
CA PRO B 181 18.56 6.08 11.77
C PRO B 181 19.04 7.50 12.04
N ALA B 182 18.13 8.45 11.86
CA ALA B 182 18.46 9.84 12.11
C ALA B 182 18.55 10.10 13.62
N VAL B 183 19.31 11.13 13.98
CA VAL B 183 19.36 11.61 15.35
C VAL B 183 18.63 12.95 15.41
N LEU B 184 18.02 13.21 16.55
CA LEU B 184 17.36 14.49 16.81
C LEU B 184 18.33 15.35 17.59
N GLN B 185 18.97 16.29 16.89
CA GLN B 185 19.94 17.15 17.54
C GLN B 185 19.24 18.14 18.48
N SER B 186 20.03 18.70 19.41
CA SER B 186 19.48 19.67 20.33
C SER B 186 18.87 20.87 19.60
N SER B 187 19.34 21.14 18.38
CA SER B 187 18.79 22.20 17.55
C SER B 187 17.37 21.89 17.07
N GLY B 188 16.87 20.67 17.30
CA GLY B 188 15.56 20.30 16.82
C GLY B 188 15.54 19.81 15.38
N LEU B 189 16.68 19.70 14.72
CA LEU B 189 16.77 19.22 13.35
C LEU B 189 17.35 17.82 13.33
N TYR B 190 17.14 17.13 12.21
CA TYR B 190 17.53 15.74 12.06
C TYR B 190 18.82 15.63 11.24
N SER B 191 19.58 14.58 11.54
CA SER B 191 20.78 14.29 10.78
C SER B 191 20.99 12.78 10.79
N LEU B 192 21.42 12.24 9.66
CA LEU B 192 21.78 10.83 9.55
C LEU B 192 23.03 10.72 8.70
N SER B 193 23.55 9.50 8.61
CA SER B 193 24.64 9.18 7.70
C SER B 193 24.27 7.95 6.91
N SER B 194 24.85 7.84 5.71
CA SER B 194 24.76 6.61 4.95
C SER B 194 26.17 6.21 4.55
N VAL B 195 26.53 4.96 4.80
N VAL B 195 26.55 4.97 4.82
CA VAL B 195 27.88 4.45 4.59
CA VAL B 195 27.89 4.50 4.51
C VAL B 195 27.82 3.26 3.65
C VAL B 195 27.80 3.30 3.57
N VAL B 196 28.94 3.00 2.98
CA VAL B 196 29.12 1.83 2.14
C VAL B 196 30.59 1.44 2.19
N THR B 197 30.85 0.14 2.23
CA THR B 197 32.20 -0.39 2.21
C THR B 197 32.51 -0.87 0.81
N VAL B 198 33.66 -0.44 0.28
CA VAL B 198 34.00 -0.65 -1.13
C VAL B 198 35.43 -1.12 -1.23
N PRO B 199 35.80 -1.74 -2.36
CA PRO B 199 37.21 -2.10 -2.56
C PRO B 199 38.09 -0.86 -2.67
N SER B 200 39.25 -0.91 -2.01
CA SER B 200 40.17 0.22 -2.05
C SER B 200 40.81 0.38 -3.41
N SER B 201 41.01 -0.72 -4.14
CA SER B 201 41.54 -0.64 -5.50
C SER B 201 40.65 0.18 -6.42
N SER B 202 39.37 0.30 -6.08
CA SER B 202 38.40 1.01 -6.92
C SER B 202 38.30 2.48 -6.59
N LEU B 203 39.06 2.97 -5.61
CA LEU B 203 38.84 4.34 -5.11
C LEU B 203 39.22 5.40 -6.14
N GLY B 204 40.19 5.12 -7.00
CA GLY B 204 40.59 6.12 -7.98
C GLY B 204 39.75 6.13 -9.25
N THR B 205 39.04 5.04 -9.53
CA THR B 205 38.33 4.87 -10.79
C THR B 205 36.82 4.94 -10.66
N GLN B 206 36.25 4.23 -9.69
CA GLN B 206 34.79 4.15 -9.58
C GLN B 206 34.20 5.43 -9.00
N THR B 207 33.05 5.82 -9.53
CA THR B 207 32.34 7.00 -9.06
C THR B 207 31.40 6.61 -7.92
N TYR B 208 31.38 7.42 -6.87
CA TYR B 208 30.51 7.20 -5.72
C TYR B 208 29.72 8.48 -5.46
N ILE B 209 28.42 8.42 -5.69
CA ILE B 209 27.54 9.58 -5.57
C ILE B 209 26.36 9.18 -4.70
N CYS B 210 26.10 9.95 -3.64
CA CYS B 210 24.94 9.69 -2.79
C CYS B 210 23.81 10.61 -3.18
N ASN B 211 22.63 10.03 -3.39
CA ASN B 211 21.42 10.72 -3.84
C ASN B 211 20.48 10.80 -2.66
N VAL B 212 20.25 12.01 -2.17
CA VAL B 212 19.43 12.27 -1.00
C VAL B 212 18.13 12.92 -1.47
N ASN B 213 17.00 12.34 -1.07
CA ASN B 213 15.70 12.91 -1.37
C ASN B 213 15.03 13.33 -0.07
N HIS B 214 14.54 14.56 -0.02
CA HIS B 214 13.75 15.08 1.09
C HIS B 214 12.46 15.60 0.48
N LYS B 215 11.42 14.76 0.51
CA LYS B 215 10.13 15.08 -0.09
C LYS B 215 9.41 16.25 0.58
N PRO B 216 9.40 16.34 1.93
CA PRO B 216 8.72 17.49 2.56
C PRO B 216 9.24 18.85 2.09
N SER B 217 10.47 18.93 1.59
CA SER B 217 10.99 20.14 0.99
C SER B 217 11.11 20.03 -0.52
N ASN B 218 10.65 18.92 -1.10
CA ASN B 218 10.73 18.67 -2.55
C ASN B 218 12.15 18.90 -3.06
N THR B 219 13.13 18.43 -2.29
CA THR B 219 14.54 18.67 -2.59
C THR B 219 15.23 17.34 -2.89
N LYS B 220 16.18 17.38 -3.82
CA LYS B 220 17.05 16.27 -4.12
C LYS B 220 18.48 16.78 -4.23
N VAL B 221 19.41 16.08 -3.58
CA VAL B 221 20.81 16.49 -3.50
C VAL B 221 21.67 15.31 -3.95
N ASP B 222 22.45 15.51 -5.00
CA ASP B 222 23.47 14.56 -5.40
C ASP B 222 24.82 15.07 -4.89
N LYS B 223 25.54 14.22 -4.15
CA LYS B 223 26.83 14.59 -3.60
C LYS B 223 27.85 13.54 -4.02
N ARG B 224 28.86 13.96 -4.78
CA ARG B 224 29.95 13.09 -5.15
C ARG B 224 30.89 12.92 -3.96
N VAL B 225 31.29 11.69 -3.69
CA VAL B 225 32.20 11.38 -2.59
C VAL B 225 33.52 10.93 -3.21
N GLU B 226 34.56 11.73 -3.05
CA GLU B 226 35.86 11.46 -3.61
C GLU B 226 36.86 11.11 -2.52
N PRO B 227 37.86 10.28 -2.82
CA PRO B 227 38.88 9.96 -1.83
C PRO B 227 39.71 11.19 -1.46
N LYS B 228 40.21 11.19 -0.23
CA LYS B 228 41.11 12.23 0.24
C LYS B 228 42.55 11.77 0.03
N SER B 229 43.36 12.65 -0.56
CA SER B 229 44.72 12.30 -0.98
C SER B 229 45.80 13.07 -0.23
N CYS B 230 45.42 13.95 0.69
CA CYS B 230 46.38 14.78 1.43
C CYS B 230 47.55 13.98 2.01
N LEU C 2 -8.65 0.10 22.37
CA LEU C 2 -8.32 -1.15 23.08
C LEU C 2 -7.08 -1.81 22.48
N VAL C 3 -6.12 -2.12 23.33
CA VAL C 3 -4.87 -2.75 22.92
C VAL C 3 -4.87 -4.19 23.43
N LEU C 4 -4.76 -5.14 22.51
CA LEU C 4 -4.57 -6.53 22.90
C LEU C 4 -3.19 -6.72 23.52
N THR C 5 -3.12 -7.59 24.52
CA THR C 5 -1.93 -7.72 25.34
C THR C 5 -0.96 -8.72 24.72
N GLN C 6 0.22 -8.24 24.34
CA GLN C 6 1.31 -9.06 23.83
C GLN C 6 2.53 -8.91 24.72
N PRO C 7 3.37 -9.93 24.81
CA PRO C 7 4.64 -9.75 25.52
C PRO C 7 5.51 -8.76 24.76
N ALA C 8 6.19 -7.90 25.52
CA ALA C 8 7.03 -6.89 24.89
C ALA C 8 8.17 -7.52 24.09
N SER C 9 8.66 -8.68 24.54
CA SER C 9 9.87 -9.26 23.99
C SER C 9 9.81 -10.78 24.10
N VAL C 10 10.24 -11.45 23.04
CA VAL C 10 10.42 -12.91 23.03
C VAL C 10 11.73 -13.19 22.32
N SER C 11 12.57 -14.03 22.92
CA SER C 11 13.87 -14.36 22.38
C SER C 11 14.07 -15.87 22.30
N GLY C 12 14.79 -16.30 21.27
CA GLY C 12 15.15 -17.69 21.12
C GLY C 12 16.46 -17.81 20.37
N SER C 13 16.99 -19.03 20.33
CA SER C 13 18.22 -19.35 19.62
C SER C 13 17.89 -19.99 18.29
N PRO C 14 18.83 -20.02 17.34
CA PRO C 14 18.53 -20.60 16.03
C PRO C 14 18.09 -22.04 16.14
N GLY C 15 17.08 -22.40 15.35
CA GLY C 15 16.48 -23.72 15.41
C GLY C 15 15.47 -23.91 16.54
N GLN C 16 15.42 -23.00 17.50
CA GLN C 16 14.46 -23.09 18.59
C GLN C 16 13.07 -22.67 18.11
N SER C 17 12.05 -23.14 18.83
CA SER C 17 10.66 -22.76 18.58
C SER C 17 10.21 -21.80 19.66
N ILE C 18 9.56 -20.70 19.25
CA ILE C 18 9.11 -19.67 20.18
C ILE C 18 7.64 -19.38 19.94
N ILE C 19 7.02 -18.73 20.91
CA ILE C 19 5.58 -18.48 20.91
C ILE C 19 5.32 -17.04 21.30
N VAL C 20 4.54 -16.34 20.48
CA VAL C 20 4.09 -14.99 20.77
C VAL C 20 2.61 -15.06 21.12
N SER C 21 2.27 -14.64 22.34
CA SER C 21 0.89 -14.70 22.80
C SER C 21 0.19 -13.35 22.58
N CYS C 22 -1.13 -13.40 22.63
CA CYS C 22 -1.96 -12.23 22.35
C CYS C 22 -3.29 -12.44 23.06
N THR C 23 -3.51 -11.71 24.15
CA THR C 23 -4.67 -11.92 25.00
C THR C 23 -5.65 -10.77 24.87
N GLY C 24 -6.89 -11.09 24.52
CA GLY C 24 -7.96 -10.12 24.49
C GLY C 24 -9.07 -10.49 25.45
N THR C 25 -10.32 -10.25 25.04
CA THR C 25 -11.49 -10.58 25.85
C THR C 25 -12.47 -11.37 24.99
N SER C 26 -13.57 -11.81 25.61
CA SER C 26 -14.61 -12.51 24.87
C SER C 26 -15.30 -11.61 23.84
N SER C 27 -15.06 -10.30 23.90
CA SER C 27 -15.60 -9.37 22.92
C SER C 27 -14.68 -9.15 21.73
N ASP C 28 -13.54 -9.84 21.67
CA ASP C 28 -12.66 -9.74 20.51
C ASP C 28 -11.97 -11.07 20.23
N VAL C 29 -10.78 -11.26 20.82
CA VAL C 29 -10.00 -12.48 20.57
C VAL C 29 -10.81 -13.72 20.92
N GLY C 30 -11.48 -13.71 22.07
CA GLY C 30 -12.26 -14.86 22.48
C GLY C 30 -13.66 -14.93 21.91
N GLY C 31 -14.05 -13.98 21.06
CA GLY C 31 -15.39 -13.96 20.53
C GLY C 31 -15.49 -14.36 19.06
N TYR C 32 -14.37 -14.32 18.35
CA TYR C 32 -14.37 -14.57 16.92
C TYR C 32 -13.13 -15.36 16.54
N LYS C 33 -13.19 -15.98 15.36
CA LYS C 33 -12.03 -16.62 14.77
C LYS C 33 -11.21 -15.65 13.92
N PHE C 34 -11.54 -14.37 13.93
CA PHE C 34 -10.90 -13.37 13.08
C PHE C 34 -9.66 -12.77 13.75
N VAL C 35 -8.68 -13.64 14.00
CA VAL C 35 -7.40 -13.24 14.57
C VAL C 35 -6.32 -13.43 13.50
N SER C 36 -5.54 -12.39 13.26
CA SER C 36 -4.45 -12.44 12.30
C SER C 36 -3.13 -12.07 12.97
N TRP C 37 -2.04 -12.40 12.28
CA TRP C 37 -0.68 -12.20 12.76
C TRP C 37 0.15 -11.61 11.63
N TYR C 38 0.83 -10.50 11.93
CA TYR C 38 1.61 -9.72 10.98
C TYR C 38 3.05 -9.60 11.43
N GLN C 39 3.97 -9.69 10.47
CA GLN C 39 5.39 -9.50 10.68
C GLN C 39 5.82 -8.17 10.07
N GLN C 40 6.59 -7.39 10.81
CA GLN C 40 7.07 -6.10 10.35
C GLN C 40 8.56 -5.98 10.64
N HIS C 41 9.35 -5.87 9.59
CA HIS C 41 10.76 -5.56 9.69
C HIS C 41 10.96 -4.05 9.70
N PRO C 42 12.09 -3.56 10.20
CA PRO C 42 12.32 -2.11 10.25
C PRO C 42 12.18 -1.46 8.87
N GLY C 43 11.48 -0.33 8.83
CA GLY C 43 11.32 0.43 7.62
C GLY C 43 10.38 -0.17 6.58
N LYS C 44 9.64 -1.21 6.93
CA LYS C 44 8.74 -1.87 6.00
C LYS C 44 7.33 -1.91 6.56
N ALA C 45 6.37 -2.06 5.65
CA ALA C 45 4.99 -2.27 6.05
C ALA C 45 4.82 -3.66 6.65
N PRO C 46 3.80 -3.86 7.48
CA PRO C 46 3.55 -5.21 8.01
C PRO C 46 3.21 -6.19 6.90
N ARG C 47 3.47 -7.47 7.16
CA ARG C 47 3.18 -8.54 6.23
C ARG C 47 2.41 -9.63 6.97
N VAL C 48 1.26 -10.02 6.43
CA VAL C 48 0.41 -10.98 7.11
C VAL C 48 1.07 -12.35 7.09
N MET C 49 1.25 -12.94 8.28
CA MET C 49 1.78 -14.29 8.40
C MET C 49 0.68 -15.30 8.64
N ILE C 50 -0.36 -14.95 9.39
CA ILE C 50 -1.45 -15.85 9.68
C ILE C 50 -2.75 -15.05 9.64
N TYR C 51 -3.84 -15.68 9.19
CA TYR C 51 -5.15 -15.09 9.29
C TYR C 51 -6.17 -16.13 9.72
N ASP C 52 -7.24 -15.67 10.35
CA ASP C 52 -8.30 -16.54 10.87
C ASP C 52 -7.70 -17.64 11.76
N VAL C 53 -6.89 -17.19 12.73
CA VAL C 53 -6.29 -18.00 13.78
C VAL C 53 -5.10 -18.81 13.29
N SER C 54 -5.29 -19.58 12.21
CA SER C 54 -4.28 -20.57 11.83
C SER C 54 -4.10 -20.74 10.32
N ASN C 55 -4.81 -20.00 9.48
CA ASN C 55 -4.61 -20.13 8.04
C ASN C 55 -3.35 -19.39 7.62
N ARG C 56 -2.54 -20.03 6.78
CA ARG C 56 -1.27 -19.46 6.35
C ARG C 56 -1.38 -19.05 4.89
N PRO C 57 -1.11 -17.80 4.54
CA PRO C 57 -1.13 -17.40 3.14
C PRO C 57 -0.01 -18.08 2.36
N SER C 58 -0.25 -18.21 1.05
CA SER C 58 0.79 -18.75 0.18
C SER C 58 1.99 -17.81 0.19
N GLY C 59 3.19 -18.40 0.16
CA GLY C 59 4.42 -17.65 0.26
C GLY C 59 4.96 -17.51 1.67
N VAL C 60 4.15 -17.78 2.69
CA VAL C 60 4.60 -17.77 4.07
C VAL C 60 5.13 -19.17 4.40
N SER C 61 6.32 -19.22 4.99
CA SER C 61 6.94 -20.50 5.31
C SER C 61 6.12 -21.24 6.36
N ASN C 62 6.07 -22.58 6.23
CA ASN C 62 5.31 -23.39 7.16
C ASN C 62 5.89 -23.41 8.57
N ARG C 63 7.04 -22.77 8.79
CA ARG C 63 7.57 -22.63 10.14
C ARG C 63 6.67 -21.77 11.01
N PHE C 64 5.82 -20.94 10.41
CA PHE C 64 4.88 -20.11 11.15
C PHE C 64 3.54 -20.81 11.23
N SER C 65 2.97 -20.87 12.44
CA SER C 65 1.64 -21.43 12.61
C SER C 65 0.93 -20.66 13.72
N GLY C 66 -0.39 -20.78 13.75
CA GLY C 66 -1.19 -20.05 14.72
C GLY C 66 -2.21 -20.94 15.38
N SER C 67 -2.58 -20.56 16.59
CA SER C 67 -3.62 -21.25 17.34
C SER C 67 -4.31 -20.26 18.26
N LYS C 68 -5.38 -20.71 18.90
CA LYS C 68 -6.14 -19.86 19.80
C LYS C 68 -6.94 -20.72 20.77
N SER C 69 -6.97 -20.30 22.03
CA SER C 69 -7.84 -20.91 23.02
C SER C 69 -8.32 -19.84 23.98
N GLY C 70 -9.60 -19.89 24.32
CA GLY C 70 -10.17 -18.87 25.19
C GLY C 70 -9.95 -17.49 24.60
N ASN C 71 -9.41 -16.60 25.43
CA ASN C 71 -9.13 -15.23 25.02
C ASN C 71 -7.70 -15.02 24.55
N THR C 72 -6.94 -16.08 24.32
CA THR C 72 -5.53 -15.95 24.00
C THR C 72 -5.20 -16.69 22.72
N ALA C 73 -4.68 -15.95 21.74
CA ALA C 73 -4.15 -16.51 20.51
C ALA C 73 -2.62 -16.56 20.59
N SER C 74 -2.03 -17.46 19.81
CA SER C 74 -0.58 -17.64 19.85
C SER C 74 -0.04 -17.92 18.45
N LEU C 75 1.07 -17.26 18.15
CA LEU C 75 1.85 -17.50 16.94
C LEU C 75 3.08 -18.30 17.32
N THR C 76 3.19 -19.52 16.80
CA THR C 76 4.36 -20.36 17.02
C THR C 76 5.28 -20.26 15.81
N ILE C 77 6.51 -19.86 16.06
CA ILE C 77 7.56 -19.78 15.04
C ILE C 77 8.55 -20.91 15.31
N SER C 78 8.64 -21.84 14.35
CA SER C 78 9.54 -22.97 14.43
C SER C 78 10.81 -22.71 13.62
N GLY C 79 11.86 -23.45 13.97
CA GLY C 79 13.14 -23.34 13.28
C GLY C 79 13.64 -21.92 13.16
N LEU C 80 13.75 -21.24 14.30
CA LEU C 80 14.04 -19.81 14.33
C LEU C 80 15.29 -19.47 13.51
N GLN C 81 15.15 -18.45 12.66
CA GLN C 81 16.24 -17.96 11.84
C GLN C 81 16.44 -16.47 12.10
N ALA C 82 17.64 -15.98 11.77
CA ALA C 82 17.98 -14.59 12.06
C ALA C 82 17.07 -13.63 11.32
N ASP C 83 16.60 -14.00 10.12
CA ASP C 83 15.71 -13.13 9.35
C ASP C 83 14.29 -13.11 9.89
N ASP C 84 13.96 -13.97 10.85
CA ASP C 84 12.69 -13.89 11.55
C ASP C 84 12.67 -12.77 12.59
N GLU C 85 13.83 -12.17 12.88
CA GLU C 85 13.92 -11.06 13.82
C GLU C 85 13.07 -9.89 13.34
N ALA C 86 12.06 -9.52 14.13
CA ALA C 86 11.12 -8.49 13.68
C ALA C 86 10.09 -8.16 14.74
N ASP C 87 9.18 -7.23 14.45
CA ASP C 87 8.04 -6.97 15.34
C ASP C 87 6.84 -7.76 14.82
N TYR C 88 6.16 -8.46 15.74
CA TYR C 88 5.01 -9.27 15.39
C TYR C 88 3.78 -8.74 16.11
N TYR C 89 2.73 -8.48 15.33
CA TYR C 89 1.50 -7.90 15.84
C TYR C 89 0.35 -8.86 15.62
N CYS C 90 -0.47 -9.04 16.65
CA CYS C 90 -1.75 -9.73 16.48
C CYS C 90 -2.84 -8.70 16.20
N SER C 91 -3.84 -9.12 15.44
CA SER C 91 -5.00 -8.29 15.15
C SER C 91 -6.26 -9.12 15.37
N SER C 92 -7.34 -8.43 15.75
CA SER C 92 -8.59 -9.10 16.06
C SER C 92 -9.78 -8.22 15.71
N TYR C 93 -10.83 -8.87 15.20
CA TYR C 93 -12.15 -8.26 15.08
C TYR C 93 -12.76 -8.09 16.47
N THR C 94 -13.69 -7.13 16.59
CA THR C 94 -14.31 -6.80 17.86
C THR C 94 -15.82 -6.79 17.73
N ASN C 95 -16.49 -6.81 18.89
CA ASN C 95 -17.94 -6.74 18.94
C ASN C 95 -18.47 -5.35 18.59
N SER C 96 -17.59 -4.38 18.38
CA SER C 96 -17.96 -3.09 17.81
C SER C 96 -17.74 -3.03 16.30
N SER C 97 -17.44 -4.18 15.68
CA SER C 97 -17.16 -4.28 14.25
C SER C 97 -15.91 -3.50 13.84
N THR C 98 -15.00 -3.28 14.78
CA THR C 98 -13.72 -2.65 14.49
C THR C 98 -12.61 -3.71 14.45
N VAL C 99 -11.43 -3.29 14.03
CA VAL C 99 -10.21 -4.09 14.10
C VAL C 99 -9.30 -3.45 15.14
N VAL C 100 -8.73 -4.27 16.02
CA VAL C 100 -7.78 -3.80 17.02
C VAL C 100 -6.50 -4.61 16.90
N PHE C 101 -5.39 -3.95 17.20
CA PHE C 101 -4.07 -4.57 17.14
C PHE C 101 -3.55 -4.82 18.55
N GLY C 102 -2.71 -5.84 18.69
CA GLY C 102 -1.91 -5.97 19.88
C GLY C 102 -0.77 -4.98 19.90
N GLY C 103 -0.18 -4.81 21.07
CA GLY C 103 0.90 -3.83 21.24
C GLY C 103 2.18 -4.18 20.51
N GLY C 104 2.34 -5.41 20.08
CA GLY C 104 3.55 -5.79 19.37
C GLY C 104 4.54 -6.54 20.23
N THR C 105 5.24 -7.48 19.63
CA THR C 105 6.28 -8.25 20.28
C THR C 105 7.53 -8.21 19.43
N LYS C 106 8.65 -7.79 20.01
CA LYS C 106 9.91 -7.83 19.29
C LYS C 106 10.53 -9.22 19.46
N VAL C 107 10.77 -9.89 18.33
CA VAL C 107 11.38 -11.21 18.29
C VAL C 107 12.83 -11.04 17.88
N THR C 108 13.74 -11.48 18.75
CA THR C 108 15.18 -11.44 18.53
C THR C 108 15.75 -12.85 18.65
N VAL C 109 16.74 -13.15 17.81
CA VAL C 109 17.39 -14.46 17.80
C VAL C 109 18.68 -14.34 18.60
N LEU C 110 18.76 -15.06 19.71
CA LEU C 110 19.95 -15.07 20.54
C LEU C 110 20.91 -16.17 20.08
N GLY C 111 22.16 -16.07 20.53
CA GLY C 111 23.11 -17.15 20.35
C GLY C 111 23.68 -17.31 18.97
N GLN C 112 23.56 -16.31 18.10
CA GLN C 112 24.30 -16.32 16.85
C GLN C 112 25.77 -16.04 17.12
N PRO C 113 26.66 -16.39 16.18
CA PRO C 113 28.10 -16.18 16.43
C PRO C 113 28.41 -14.71 16.70
N LYS C 114 29.14 -14.48 17.80
CA LYS C 114 29.52 -13.13 18.18
C LYS C 114 30.45 -12.53 17.13
N ALA C 115 30.32 -11.22 16.95
CA ALA C 115 31.15 -10.48 16.00
C ALA C 115 31.66 -9.21 16.65
N ALA C 116 32.95 -8.94 16.45
CA ALA C 116 33.55 -7.72 16.97
C ALA C 116 33.23 -6.54 16.05
N PRO C 117 33.10 -5.35 16.61
CA PRO C 117 32.73 -4.18 15.79
C PRO C 117 33.91 -3.63 15.02
N SER C 118 33.73 -3.47 13.70
CA SER C 118 34.63 -2.67 12.90
C SER C 118 34.26 -1.20 13.05
N VAL C 119 35.25 -0.33 13.18
CA VAL C 119 35.01 1.06 13.51
C VAL C 119 35.76 1.95 12.53
N THR C 120 35.07 2.91 11.94
CA THR C 120 35.67 3.92 11.09
C THR C 120 35.33 5.30 11.63
N LEU C 121 36.36 6.11 11.82
CA LEU C 121 36.20 7.46 12.37
C LEU C 121 36.51 8.47 11.27
N PHE C 122 35.50 9.26 10.88
CA PHE C 122 35.60 10.29 9.86
C PHE C 122 35.78 11.65 10.51
N PRO C 123 36.86 12.35 10.14
CA PRO C 123 37.07 13.72 10.61
C PRO C 123 36.15 14.67 9.86
N PRO C 124 36.07 15.93 10.28
CA PRO C 124 35.25 16.89 9.54
C PRO C 124 35.72 17.03 8.10
N SER C 125 34.76 16.95 7.18
CA SER C 125 35.08 17.20 5.77
C SER C 125 35.44 18.66 5.56
N SER C 126 36.25 18.91 4.53
CA SER C 126 36.66 20.28 4.23
C SER C 126 35.44 21.14 3.88
N GLU C 127 34.42 20.56 3.27
CA GLU C 127 33.23 21.33 2.93
C GLU C 127 32.46 21.76 4.17
N GLU C 128 32.37 20.88 5.17
CA GLU C 128 31.70 21.26 6.41
C GLU C 128 32.48 22.33 7.16
N LEU C 129 33.81 22.20 7.20
CA LEU C 129 34.63 23.23 7.83
C LEU C 129 34.47 24.56 7.11
N GLN C 130 34.39 24.53 5.78
CA GLN C 130 34.15 25.75 5.02
C GLN C 130 32.73 26.26 5.22
N ALA C 131 31.82 25.42 5.71
CA ALA C 131 30.51 25.86 6.17
C ALA C 131 30.50 26.26 7.64
N ASN C 132 31.68 26.35 8.26
CA ASN C 132 31.85 26.81 9.64
C ASN C 132 31.19 25.87 10.65
N LYS C 133 31.29 24.56 10.40
CA LYS C 133 30.88 23.55 11.36
C LYS C 133 31.86 22.39 11.32
N ALA C 134 31.81 21.53 12.32
CA ALA C 134 32.65 20.34 12.35
C ALA C 134 31.90 19.19 12.97
N THR C 135 31.89 18.04 12.29
CA THR C 135 31.24 16.85 12.81
C THR C 135 32.20 15.68 12.69
N LEU C 136 32.54 15.05 13.81
CA LEU C 136 33.24 13.78 13.81
C LEU C 136 32.22 12.66 13.77
N VAL C 137 32.41 11.71 12.87
CA VAL C 137 31.43 10.65 12.64
C VAL C 137 32.10 9.32 12.90
N CYS C 138 31.69 8.63 13.96
CA CYS C 138 32.20 7.33 14.32
C CYS C 138 31.15 6.28 13.94
N LEU C 139 31.49 5.44 12.97
CA LEU C 139 30.56 4.46 12.43
C LEU C 139 31.04 3.06 12.79
N ILE C 140 30.11 2.25 13.31
CA ILE C 140 30.40 0.96 13.91
C ILE C 140 29.59 -0.09 13.16
N SER C 141 30.25 -1.14 12.71
CA SER C 141 29.66 -2.07 11.76
C SER C 141 29.99 -3.51 12.13
N ASP C 142 29.10 -4.42 11.71
CA ASP C 142 29.35 -5.86 11.72
C ASP C 142 29.69 -6.38 13.12
N PHE C 143 28.86 -6.03 14.10
CA PHE C 143 29.01 -6.56 15.44
C PHE C 143 27.75 -7.30 15.87
N TYR C 144 27.93 -8.27 16.76
CA TYR C 144 26.85 -9.03 17.35
C TYR C 144 27.33 -9.59 18.70
N PRO C 145 26.52 -9.51 19.77
CA PRO C 145 25.16 -8.96 19.82
C PRO C 145 25.10 -7.45 19.59
N GLY C 146 23.88 -6.93 19.36
CA GLY C 146 23.71 -5.54 19.02
C GLY C 146 23.67 -4.60 20.22
N ALA C 147 24.77 -4.53 20.96
CA ALA C 147 24.87 -3.62 22.09
C ALA C 147 26.31 -3.14 22.21
N VAL C 148 26.51 -1.83 22.11
CA VAL C 148 27.84 -1.22 22.22
C VAL C 148 27.74 0.02 23.09
N THR C 149 28.89 0.43 23.63
CA THR C 149 29.03 1.69 24.34
C THR C 149 30.06 2.54 23.63
N VAL C 150 29.79 3.84 23.53
CA VAL C 150 30.64 4.77 22.79
C VAL C 150 31.11 5.86 23.75
N ALA C 151 32.41 6.14 23.73
CA ALA C 151 33.01 7.20 24.51
C ALA C 151 33.89 8.06 23.60
N TRP C 152 33.89 9.36 23.84
CA TRP C 152 34.66 10.29 23.03
C TRP C 152 35.72 10.98 23.88
N LYS C 153 36.92 11.09 23.32
CA LYS C 153 38.04 11.74 24.00
C LYS C 153 38.62 12.83 23.12
N ALA C 154 38.81 14.01 23.68
CA ALA C 154 39.58 15.08 23.07
C ALA C 154 40.98 15.03 23.65
N ASP C 155 41.98 14.76 22.80
CA ASP C 155 43.31 14.37 23.25
C ASP C 155 43.18 13.11 24.11
N SER C 156 43.20 13.27 25.43
CA SER C 156 42.96 12.17 26.35
C SER C 156 41.90 12.51 27.40
N SER C 157 41.25 13.67 27.29
CA SER C 157 40.21 14.13 28.20
C SER C 157 38.84 13.65 27.72
N PRO C 158 38.01 13.13 28.63
CA PRO C 158 36.65 12.73 28.24
C PRO C 158 35.81 13.90 27.75
N VAL C 159 34.87 13.60 26.84
CA VAL C 159 33.96 14.59 26.28
C VAL C 159 32.55 14.01 26.28
N LYS C 160 31.56 14.85 26.59
CA LYS C 160 30.16 14.46 26.47
C LYS C 160 29.37 15.53 25.73
N ALA C 161 29.82 16.78 25.83
CA ALA C 161 29.14 17.88 25.16
C ALA C 161 29.13 17.66 23.66
N GLY C 162 27.94 17.68 23.06
CA GLY C 162 27.82 17.56 21.62
C GLY C 162 27.96 16.17 21.06
N VAL C 163 27.53 15.15 21.80
CA VAL C 163 27.63 13.76 21.37
C VAL C 163 26.23 13.20 21.21
N GLU C 164 25.97 12.56 20.07
CA GLU C 164 24.69 11.91 19.81
C GLU C 164 24.92 10.54 19.20
N THR C 165 24.32 9.51 19.78
CA THR C 165 24.59 8.13 19.36
C THR C 165 23.28 7.42 19.06
N THR C 166 23.25 6.69 17.95
CA THR C 166 22.05 5.95 17.56
C THR C 166 21.98 4.60 18.25
N THR C 167 20.75 4.13 18.46
CA THR C 167 20.54 2.75 18.85
C THR C 167 21.00 1.84 17.72
N PRO C 168 21.70 0.74 18.03
CA PRO C 168 22.18 -0.15 16.97
C PRO C 168 21.05 -0.62 16.07
N SER C 169 21.30 -0.60 14.76
CA SER C 169 20.35 -1.01 13.75
C SER C 169 20.85 -2.27 13.05
N LYS C 170 19.91 -3.12 12.65
CA LYS C 170 20.26 -4.36 11.97
C LYS C 170 20.70 -4.07 10.54
N GLN C 171 21.87 -4.59 10.17
CA GLN C 171 22.35 -4.47 8.80
C GLN C 171 21.57 -5.43 7.89
N SER C 172 22.09 -5.66 6.69
CA SER C 172 21.49 -6.62 5.78
C SER C 172 22.07 -8.02 5.95
N ASN C 173 23.22 -8.16 6.60
CA ASN C 173 23.85 -9.44 6.84
C ASN C 173 23.55 -9.97 8.24
N ASN C 174 22.48 -9.49 8.88
CA ASN C 174 22.03 -9.86 10.22
C ASN C 174 23.02 -9.49 11.30
N LYS C 175 24.02 -8.67 10.99
CA LYS C 175 24.85 -8.05 12.01
C LYS C 175 24.26 -6.68 12.36
N TYR C 176 24.90 -5.97 13.28
CA TYR C 176 24.39 -4.69 13.74
C TYR C 176 25.38 -3.57 13.44
N ALA C 177 24.84 -2.37 13.36
CA ALA C 177 25.63 -1.17 13.12
C ALA C 177 25.09 -0.04 13.98
N ALA C 178 25.99 0.88 14.34
CA ALA C 178 25.63 2.05 15.13
C ALA C 178 26.43 3.25 14.65
N SER C 179 25.95 4.44 15.02
CA SER C 179 26.55 5.69 14.61
C SER C 179 26.67 6.61 15.82
N SER C 180 27.76 7.37 15.89
CA SER C 180 27.93 8.36 16.94
C SER C 180 28.54 9.62 16.33
N TYR C 181 28.05 10.77 16.76
CA TYR C 181 28.46 12.05 16.22
C TYR C 181 28.97 12.93 17.35
N LEU C 182 30.12 13.56 17.11
CA LEU C 182 30.68 14.56 18.00
C LEU C 182 30.68 15.89 17.27
N SER C 183 29.84 16.82 17.71
CA SER C 183 29.73 18.13 17.07
C SER C 183 30.72 19.10 17.71
N LEU C 184 31.54 19.73 16.87
CA LEU C 184 32.52 20.70 17.31
C LEU C 184 32.46 21.93 16.40
N THR C 185 32.84 23.06 16.95
CA THR C 185 33.13 24.21 16.11
C THR C 185 34.50 23.99 15.46
N PRO C 186 34.75 24.63 14.31
CA PRO C 186 36.09 24.51 13.71
C PRO C 186 37.21 24.81 14.70
N GLU C 187 37.06 25.85 15.51
CA GLU C 187 38.11 26.24 16.45
C GLU C 187 38.45 25.11 17.42
N GLN C 188 37.43 24.42 17.93
CA GLN C 188 37.69 23.30 18.84
C GLN C 188 38.41 22.16 18.12
N TRP C 189 38.06 21.93 16.85
CA TRP C 189 38.73 20.89 16.07
C TRP C 189 40.19 21.24 15.84
N LYS C 190 40.48 22.48 15.43
CA LYS C 190 41.86 22.93 15.29
C LYS C 190 42.60 22.87 16.62
N SER C 191 41.90 23.11 17.72
CA SER C 191 42.53 23.40 19.01
C SER C 191 43.13 22.18 19.71
N HIS C 192 42.82 20.96 19.27
CA HIS C 192 43.28 19.76 19.95
C HIS C 192 44.26 18.98 19.08
N ARG C 193 45.11 18.20 19.74
CA ARG C 193 46.06 17.37 19.00
C ARG C 193 45.37 16.20 18.32
N SER C 194 44.39 15.59 18.99
CA SER C 194 43.75 14.40 18.49
C SER C 194 42.34 14.26 19.05
N TYR C 195 41.56 13.39 18.42
CA TYR C 195 40.22 13.05 18.86
C TYR C 195 40.01 11.55 18.68
N SER C 196 39.35 10.92 19.65
CA SER C 196 39.26 9.46 19.70
C SER C 196 37.84 9.02 19.97
N CYS C 197 37.42 7.98 19.23
CA CYS C 197 36.17 7.27 19.46
C CYS C 197 36.49 5.88 20.00
N GLN C 198 35.88 5.54 21.13
CA GLN C 198 36.10 4.29 21.85
C GLN C 198 34.81 3.51 21.87
N VAL C 199 34.83 2.31 21.28
CA VAL C 199 33.66 1.46 21.17
C VAL C 199 33.91 0.19 21.97
N THR C 200 33.11 -0.02 23.01
CA THR C 200 33.20 -1.22 23.83
C THR C 200 32.03 -2.14 23.49
N HIS C 201 32.34 -3.43 23.32
CA HIS C 201 31.38 -4.44 22.89
C HIS C 201 31.80 -5.78 23.48
N GLU C 202 30.98 -6.33 24.36
CA GLU C 202 31.18 -7.66 24.93
C GLU C 202 32.59 -7.81 25.52
N GLY C 203 32.96 -6.86 26.37
CA GLY C 203 34.25 -6.88 27.02
C GLY C 203 35.42 -6.42 26.16
N SER C 204 35.24 -6.29 24.85
CA SER C 204 36.28 -5.78 23.98
C SER C 204 36.18 -4.27 23.86
N THR C 205 37.32 -3.61 23.64
CA THR C 205 37.34 -2.18 23.41
C THR C 205 38.21 -1.89 22.19
N VAL C 206 37.66 -1.14 21.25
CA VAL C 206 38.37 -0.71 20.06
C VAL C 206 38.40 0.82 20.06
N GLU C 207 39.51 1.40 19.61
CA GLU C 207 39.68 2.84 19.62
C GLU C 207 40.20 3.32 18.27
N LYS C 208 39.57 4.36 17.74
CA LYS C 208 40.03 5.00 16.52
C LYS C 208 40.30 6.47 16.78
N THR C 209 41.31 7.01 16.13
CA THR C 209 41.76 8.37 16.38
C THR C 209 41.97 9.11 15.07
N VAL C 210 41.58 10.39 15.06
CA VAL C 210 41.83 11.30 13.95
C VAL C 210 42.45 12.57 14.49
N ALA C 211 43.16 13.28 13.60
CA ALA C 211 43.88 14.49 13.99
C ALA C 211 43.76 15.53 12.89
N PRO C 212 43.67 16.82 13.25
CA PRO C 212 43.57 17.86 12.22
C PRO C 212 44.84 18.01 11.40
N THR C 213 46.00 17.66 11.96
CA THR C 213 47.28 17.77 11.26
C THR C 213 47.65 16.50 10.52
N GLU C 214 46.68 15.64 10.19
CA GLU C 214 46.97 14.36 9.57
C GLU C 214 47.44 14.50 8.12
N CYS C 215 47.55 15.71 7.60
CA CYS C 215 47.98 15.93 6.21
C CYS C 215 49.30 16.68 6.14
C1 NAG D . -19.22 -5.12 23.42
C2 NAG D . -20.65 -4.61 23.68
C3 NAG D . -20.69 -3.73 24.92
C4 NAG D . -20.07 -4.44 26.12
C5 NAG D . -18.65 -4.88 25.75
C6 NAG D . -17.97 -5.65 26.86
C7 NAG D . -21.93 -4.47 21.60
C8 NAG D . -22.37 -3.58 20.47
N2 NAG D . -21.16 -3.90 22.53
O3 NAG D . -22.05 -3.39 25.22
O4 NAG D . -20.03 -3.58 27.25
O5 NAG D . -18.70 -5.73 24.61
O6 NAG D . -18.74 -6.79 27.24
O7 NAG D . -22.26 -5.65 21.65
C1 NAG D . -20.75 -3.89 28.38
C2 NAG D . -20.24 -3.26 29.68
C3 NAG D . -21.07 -3.74 30.86
C4 NAG D . -22.55 -3.50 30.61
C5 NAG D . -22.96 -4.14 29.28
C6 NAG D . -24.40 -3.84 28.91
C7 NAG D . -17.84 -2.75 29.48
C8 NAG D . -16.45 -3.21 29.79
N2 NAG D . -18.83 -3.56 29.89
O3 NAG D . -20.66 -3.04 32.04
O4 NAG D . -23.33 -4.06 31.66
O5 NAG D . -22.14 -3.62 28.22
O6 NAG D . -24.67 -2.45 28.91
O7 NAG D . -18.07 -1.71 28.89
C1 FUC D . -18.47 -7.09 28.55
C2 FUC D . -19.55 -8.08 29.00
C3 FUC D . -19.37 -9.43 28.29
C4 FUC D . -17.95 -9.96 28.50
C5 FUC D . -16.93 -8.90 28.06
C6 FUC D . -15.49 -9.28 28.40
O2 FUC D . -20.87 -7.58 28.79
O3 FUC D . -20.28 -10.40 28.82
O4 FUC D . -17.74 -10.30 29.87
O5 FUC D . -17.17 -7.62 28.70
C1 NAG E . -23.64 10.81 -31.16
C2 NAG E . -24.99 10.92 -31.88
C3 NAG E . -24.80 10.98 -33.39
C4 NAG E . -23.83 12.10 -33.76
C5 NAG E . -22.51 11.91 -33.01
C6 NAG E . -21.54 13.03 -33.25
C7 NAG E . -27.18 9.93 -31.35
C8 NAG E . -27.91 8.66 -31.00
N2 NAG E . -25.85 9.80 -31.52
O3 NAG E . -26.06 11.21 -34.02
O4 NAG E . -23.57 12.07 -35.16
O5 NAG E . -22.78 11.88 -31.59
O6 NAG E . -22.00 14.25 -32.70
O7 NAG E . -27.75 11.00 -31.46
#